data_1AD3
#
_entry.id   1AD3
#
_cell.length_a   64.950
_cell.length_b   170.950
_cell.length_c   47.160
_cell.angle_alpha   90.00
_cell.angle_beta   110.25
_cell.angle_gamma   90.00
#
_symmetry.space_group_name_H-M   'P 1 21 1'
#
loop_
_entity.id
_entity.type
_entity.pdbx_description
1 polymer 'ALDEHYDE DEHYDROGENASE (CLASS 3)'
2 non-polymer NICOTINAMIDE-ADENINE-DINUCLEOTIDE
3 water water
#
_entity_poly.entity_id   1
_entity_poly.type   'polypeptide(L)'
_entity_poly.pdbx_seq_one_letter_code
;MSISDTVKRAREAFNSGKTRSLQFRIQQLEALQRMINENLKSISGALASDLGKNEWTSYYEEVAHVLEELDTTIKELPDW
AEDEPVAKTRQTQQDDLYIHSEPLGVVLVIGAWNYPFNLTIQPMVGAVAAGNAVILKPSEVSGHMADLLATLIPQYMDQN
LYLVVKGGVPETTELLKERFDHIMYTGSTAVGKIVMAAAAKHLTPVTLELGGKSPCYVDKDCDLDVACRRIAWGKFMNSG
QTCVAPDYILCDPSIQNQIVEKLKKSLKDFYGEDAKQSRDYGRIINDRHFQRVKGLIDNQKVAHGGTWDQSSRYIAPTIL
VDVDPQSPVMQEEIFGPVMPIVCVRSLEEAIQFINQREKPLALYVFSNNEKVIKKMIAETSSGGVTANDVIVHITVPTLP
FGGVGNSGMGAYHGKKSFETFSHRRSCLVKSLLNEEAHKARYPPSPAKMPRH
;
_entity_poly.pdbx_strand_id   A,B
#
# COMPACT_ATOMS: atom_id res chain seq x y z
N SER A 2 -12.74 25.69 12.89
CA SER A 2 -11.66 25.41 13.88
C SER A 2 -10.78 24.20 13.55
N ILE A 3 -11.37 23.01 13.49
CA ILE A 3 -10.60 21.80 13.16
C ILE A 3 -9.97 22.04 11.79
N SER A 4 -10.74 22.68 10.93
CA SER A 4 -10.28 23.03 9.60
C SER A 4 -9.04 23.93 9.71
N ASP A 5 -9.13 24.92 10.60
CA ASP A 5 -8.05 25.87 10.85
C ASP A 5 -6.79 25.17 11.31
N THR A 6 -6.97 24.11 12.10
CA THR A 6 -5.86 23.32 12.62
C THR A 6 -5.20 22.55 11.48
N VAL A 7 -6.01 21.94 10.64
CA VAL A 7 -5.49 21.21 9.49
C VAL A 7 -4.78 22.17 8.54
N LYS A 8 -5.34 23.37 8.35
CA LYS A 8 -4.75 24.40 7.48
C LYS A 8 -3.38 24.83 7.99
N ARG A 9 -3.32 25.16 9.28
CA ARG A 9 -2.08 25.59 9.93
C ARG A 9 -0.94 24.59 9.67
N ALA A 10 -1.26 23.30 9.77
CA ALA A 10 -0.30 22.23 9.54
C ALA A 10 0.12 22.10 8.09
N ARG A 11 -0.83 22.21 7.16
CA ARG A 11 -0.51 22.10 5.73
C ARG A 11 0.34 23.28 5.23
N GLU A 12 -0.01 24.50 5.62
CA GLU A 12 0.74 25.66 5.19
C GLU A 12 2.18 25.59 5.71
N ALA A 13 2.35 25.10 6.94
CA ALA A 13 3.67 24.97 7.54
C ALA A 13 4.50 23.92 6.81
N PHE A 14 3.84 22.85 6.36
CA PHE A 14 4.54 21.82 5.61
C PHE A 14 4.95 22.42 4.28
N ASN A 15 4.08 23.24 3.69
CA ASN A 15 4.36 23.87 2.42
C ASN A 15 5.53 24.84 2.50
N SER A 16 5.91 25.23 3.71
CA SER A 16 7.04 26.13 3.90
C SER A 16 8.32 25.45 3.41
N GLY A 17 8.34 24.13 3.53
CA GLY A 17 9.50 23.37 3.10
C GLY A 17 10.50 23.10 4.21
N LYS A 18 10.22 23.57 5.42
CA LYS A 18 11.13 23.36 6.55
C LYS A 18 11.45 21.88 6.86
N THR A 19 10.47 20.99 6.68
CA THR A 19 10.65 19.58 6.95
C THR A 19 11.58 18.91 5.94
N ARG A 20 11.95 19.63 4.88
CA ARG A 20 12.82 19.05 3.88
C ARG A 20 14.22 18.84 4.41
N SER A 21 14.57 19.59 5.46
CA SER A 21 15.89 19.49 6.07
C SER A 21 16.00 18.23 6.94
N LEU A 22 16.93 17.34 6.58
CA LEU A 22 17.14 16.11 7.33
C LEU A 22 17.55 16.47 8.75
N GLN A 23 18.27 17.57 8.88
CA GLN A 23 18.73 18.04 10.17
C GLN A 23 17.53 18.39 11.04
N PHE A 24 16.55 19.03 10.43
CA PHE A 24 15.34 19.42 11.14
C PHE A 24 14.67 18.19 11.74
N ARG A 25 14.36 17.21 10.90
CA ARG A 25 13.73 15.98 11.35
C ARG A 25 14.44 15.34 12.54
N ILE A 26 15.77 15.28 12.48
CA ILE A 26 16.56 14.70 13.57
C ILE A 26 16.35 15.49 14.87
N GLN A 27 16.30 16.81 14.79
CA GLN A 27 16.09 17.66 15.97
C GLN A 27 14.70 17.40 16.55
N GLN A 28 13.69 17.38 15.69
CA GLN A 28 12.32 17.12 16.14
C GLN A 28 12.26 15.74 16.77
N LEU A 29 12.84 14.74 16.10
CA LEU A 29 12.85 13.38 16.59
C LEU A 29 13.51 13.34 17.98
N GLU A 30 14.55 14.14 18.16
CA GLU A 30 15.24 14.19 19.43
C GLU A 30 14.42 14.95 20.46
N ALA A 31 13.55 15.83 19.98
CA ALA A 31 12.68 16.57 20.89
C ALA A 31 11.70 15.55 21.46
N LEU A 32 11.15 14.72 20.59
CA LEU A 32 10.20 13.67 20.96
C LEU A 32 10.85 12.77 21.99
N GLN A 33 12.12 12.47 21.76
CA GLN A 33 12.88 11.62 22.64
C GLN A 33 13.07 12.26 24.00
N ARG A 34 13.36 13.56 24.05
CA ARG A 34 13.53 14.18 25.35
C ARG A 34 12.18 14.37 26.06
N MET A 35 11.10 14.39 25.29
CA MET A 35 9.76 14.54 25.86
C MET A 35 9.38 13.32 26.70
N ILE A 36 9.71 12.15 26.18
CA ILE A 36 9.41 10.88 26.85
C ILE A 36 10.28 10.71 28.10
N ASN A 37 11.59 10.80 27.94
CA ASN A 37 12.52 10.66 29.06
C ASN A 37 12.20 11.59 30.21
N GLU A 38 11.98 12.87 29.88
CA GLU A 38 11.67 13.85 30.90
C GLU A 38 10.31 13.69 31.56
N ASN A 39 9.40 12.97 30.93
CA ASN A 39 8.06 12.83 31.50
C ASN A 39 7.57 11.41 31.79
N LEU A 40 8.51 10.47 31.96
CA LEU A 40 8.15 9.08 32.24
C LEU A 40 7.13 8.93 33.36
N LYS A 41 7.31 9.70 34.42
CA LYS A 41 6.42 9.66 35.57
C LYS A 41 4.99 10.01 35.21
N SER A 42 4.82 11.12 34.52
CA SER A 42 3.50 11.60 34.09
C SER A 42 2.81 10.58 33.19
N ILE A 43 3.55 10.08 32.21
CA ILE A 43 3.05 9.09 31.24
C ILE A 43 2.58 7.84 31.98
N SER A 44 3.41 7.36 32.90
CA SER A 44 3.10 6.19 33.70
C SER A 44 1.81 6.42 34.47
N GLY A 45 1.73 7.57 35.13
CA GLY A 45 0.56 7.93 35.91
C GLY A 45 -0.70 7.98 35.07
N ALA A 46 -0.58 8.53 33.86
CA ALA A 46 -1.69 8.63 32.93
C ALA A 46 -2.15 7.22 32.58
N LEU A 47 -1.17 6.34 32.37
CA LEU A 47 -1.43 4.96 32.03
C LEU A 47 -2.07 4.21 33.21
N ALA A 48 -1.71 4.62 34.43
CA ALA A 48 -2.25 3.99 35.62
C ALA A 48 -3.72 4.36 35.79
N SER A 49 -4.05 5.61 35.47
CA SER A 49 -5.42 6.08 35.60
C SER A 49 -6.39 5.56 34.53
N ASP A 50 -5.86 5.11 33.40
CA ASP A 50 -6.68 4.60 32.31
C ASP A 50 -6.88 3.09 32.36
N LEU A 51 -5.81 2.37 32.64
CA LEU A 51 -5.88 0.91 32.65
C LEU A 51 -5.15 0.28 33.84
N GLY A 52 -4.90 1.06 34.87
CA GLY A 52 -4.23 0.54 36.04
C GLY A 52 -2.89 -0.12 35.80
N LYS A 53 -1.98 0.54 35.10
CA LYS A 53 -0.66 -0.03 34.85
C LYS A 53 0.26 0.49 35.95
N ASN A 54 1.41 -0.12 36.11
CA ASN A 54 2.35 0.33 37.12
C ASN A 54 3.63 0.74 36.39
N GLU A 55 4.45 1.55 37.04
CA GLU A 55 5.72 2.04 36.48
C GLU A 55 6.45 1.06 35.55
N TRP A 56 6.43 -0.22 35.93
CA TRP A 56 7.11 -1.28 35.18
C TRP A 56 6.38 -1.75 33.92
N THR A 57 5.09 -2.09 34.04
CA THR A 57 4.34 -2.54 32.88
C THR A 57 4.24 -1.39 31.88
N SER A 58 4.12 -0.17 32.37
CA SER A 58 4.05 0.98 31.49
C SER A 58 5.32 1.04 30.62
N TYR A 59 6.48 1.19 31.27
CA TYR A 59 7.73 1.26 30.54
C TYR A 59 7.97 0.07 29.62
N TYR A 60 7.95 -1.14 30.19
CA TYR A 60 8.24 -2.33 29.40
C TYR A 60 7.24 -2.77 28.35
N GLU A 61 5.97 -2.43 28.52
CA GLU A 61 4.97 -2.80 27.54
C GLU A 61 4.70 -1.72 26.49
N GLU A 62 4.88 -0.45 26.84
CA GLU A 62 4.61 0.64 25.91
C GLU A 62 5.83 1.50 25.60
N VAL A 63 6.07 2.47 26.48
CA VAL A 63 7.15 3.43 26.35
C VAL A 63 8.50 2.92 25.86
N ALA A 64 8.93 1.76 26.34
CA ALA A 64 10.22 1.21 25.95
C ALA A 64 10.26 0.79 24.50
N HIS A 65 9.09 0.61 23.88
CA HIS A 65 9.05 0.22 22.49
C HIS A 65 9.22 1.42 21.59
N VAL A 66 8.59 2.53 21.97
CA VAL A 66 8.71 3.78 21.20
C VAL A 66 10.16 4.25 21.19
N LEU A 67 10.80 4.18 22.36
CA LEU A 67 12.18 4.61 22.50
C LEU A 67 13.14 3.79 21.66
N GLU A 68 12.85 2.50 21.46
CA GLU A 68 13.72 1.67 20.64
C GLU A 68 13.52 2.12 19.19
N GLU A 69 12.28 2.43 18.83
CA GLU A 69 11.97 2.90 17.51
C GLU A 69 12.73 4.20 17.27
N LEU A 70 12.56 5.18 18.15
CA LEU A 70 13.25 6.45 18.04
C LEU A 70 14.73 6.27 17.78
N ASP A 71 15.37 5.38 18.56
CA ASP A 71 16.80 5.14 18.43
C ASP A 71 17.20 4.56 17.08
N THR A 72 16.43 3.59 16.59
CA THR A 72 16.72 2.97 15.31
C THR A 72 16.69 4.01 14.19
N THR A 73 15.58 4.74 14.09
CA THR A 73 15.38 5.74 13.03
C THR A 73 16.25 6.99 13.11
N ILE A 74 16.52 7.49 14.31
CA ILE A 74 17.37 8.67 14.44
C ILE A 74 18.72 8.31 13.84
N LYS A 75 19.18 7.10 14.11
CA LYS A 75 20.46 6.64 13.61
C LYS A 75 20.47 6.27 12.12
N GLU A 76 19.43 5.59 11.65
CA GLU A 76 19.38 5.19 10.25
C GLU A 76 18.75 6.14 9.23
N LEU A 77 18.04 7.17 9.68
CA LEU A 77 17.39 8.11 8.76
C LEU A 77 18.24 8.59 7.58
N PRO A 78 19.49 9.03 7.82
CA PRO A 78 20.34 9.49 6.71
C PRO A 78 20.47 8.47 5.61
N ASP A 79 20.63 7.21 6.00
CA ASP A 79 20.75 6.13 5.03
C ASP A 79 19.42 5.86 4.37
N TRP A 80 18.34 5.99 5.13
CA TRP A 80 17.01 5.75 4.58
C TRP A 80 16.63 6.81 3.53
N ALA A 81 17.03 8.05 3.74
CA ALA A 81 16.72 9.16 2.83
C ALA A 81 17.47 9.23 1.49
N GLU A 82 18.66 8.64 1.43
CA GLU A 82 19.45 8.65 0.18
C GLU A 82 18.69 8.02 -0.98
N ASP A 83 18.97 8.49 -2.20
CA ASP A 83 18.30 7.93 -3.39
C ASP A 83 18.74 6.49 -3.57
N GLU A 84 17.78 5.59 -3.59
CA GLU A 84 18.07 4.18 -3.71
C GLU A 84 18.30 3.77 -5.16
N PRO A 85 19.52 3.35 -5.49
CA PRO A 85 19.81 2.95 -6.87
C PRO A 85 19.05 1.68 -7.25
N VAL A 86 18.79 1.52 -8.55
CA VAL A 86 18.06 0.36 -9.05
C VAL A 86 18.90 -0.42 -10.08
N ALA A 87 18.54 -1.67 -10.32
CA ALA A 87 19.23 -2.51 -11.28
C ALA A 87 18.97 -2.02 -12.70
N LYS A 88 20.03 -1.83 -13.49
CA LYS A 88 19.90 -1.37 -14.88
C LYS A 88 19.63 -2.53 -15.84
N THR A 89 18.92 -2.24 -16.92
CA THR A 89 18.64 -3.24 -17.94
C THR A 89 19.62 -2.99 -19.10
N ARG A 90 19.62 -3.87 -20.09
CA ARG A 90 20.51 -3.69 -21.23
C ARG A 90 20.27 -2.32 -21.85
N GLN A 91 19.00 -2.02 -22.08
CA GLN A 91 18.60 -0.75 -22.67
C GLN A 91 18.99 0.47 -21.84
N THR A 92 19.10 0.31 -20.52
CA THR A 92 19.44 1.43 -19.64
C THR A 92 20.86 1.46 -19.07
N GLN A 93 21.76 0.70 -19.67
CA GLN A 93 23.13 0.63 -19.20
C GLN A 93 23.86 1.95 -18.99
N GLN A 94 23.54 2.97 -19.79
CA GLN A 94 24.20 4.28 -19.67
C GLN A 94 23.36 5.29 -18.87
N ASP A 95 22.21 4.85 -18.36
CA ASP A 95 21.31 5.73 -17.64
C ASP A 95 21.31 5.49 -16.13
N ASP A 96 20.82 6.48 -15.39
CA ASP A 96 20.70 6.40 -13.94
C ASP A 96 19.27 5.98 -13.63
N LEU A 97 19.10 4.94 -12.83
CA LEU A 97 17.77 4.50 -12.45
C LEU A 97 17.79 4.44 -10.93
N TYR A 98 17.04 5.31 -10.28
CA TYR A 98 17.00 5.28 -8.83
C TYR A 98 15.64 5.57 -8.27
N ILE A 99 15.52 5.38 -6.96
CA ILE A 99 14.27 5.60 -6.26
C ILE A 99 14.45 6.74 -5.29
N HIS A 100 13.58 7.72 -5.42
CA HIS A 100 13.59 8.92 -4.63
C HIS A 100 12.41 8.92 -3.68
N SER A 101 12.68 9.07 -2.40
CA SER A 101 11.65 9.09 -1.35
C SER A 101 11.39 10.54 -1.00
N GLU A 102 10.14 10.89 -0.71
CA GLU A 102 9.78 12.26 -0.37
C GLU A 102 8.53 12.31 0.49
N PRO A 103 8.39 13.34 1.36
CA PRO A 103 7.20 13.42 2.21
C PRO A 103 5.88 13.40 1.46
N LEU A 104 4.85 12.90 2.13
CA LEU A 104 3.51 12.86 1.54
C LEU A 104 2.78 14.17 1.83
N GLY A 105 3.09 14.78 2.97
CA GLY A 105 2.44 16.02 3.33
C GLY A 105 1.87 15.97 4.73
N VAL A 106 0.55 15.99 4.84
CA VAL A 106 -0.13 15.94 6.14
C VAL A 106 -0.72 14.54 6.46
N VAL A 107 -0.19 13.88 7.49
CA VAL A 107 -0.64 12.55 7.91
C VAL A 107 -1.52 12.62 9.18
N LEU A 108 -2.61 11.86 9.19
CA LEU A 108 -3.52 11.81 10.33
C LEU A 108 -3.21 10.52 11.06
N VAL A 109 -2.89 10.60 12.34
CA VAL A 109 -2.61 9.41 13.15
C VAL A 109 -3.73 9.33 14.18
N ILE A 110 -4.60 8.33 14.02
CA ILE A 110 -5.74 8.08 14.91
C ILE A 110 -5.39 6.90 15.82
N GLY A 111 -5.18 7.16 17.11
CA GLY A 111 -4.82 6.10 18.05
C GLY A 111 -5.94 5.27 18.65
N ALA A 112 -5.59 4.30 19.51
CA ALA A 112 -6.57 3.44 20.19
C ALA A 112 -6.40 3.55 21.71
N TRP A 113 -7.36 3.04 22.48
CA TRP A 113 -7.32 3.14 23.93
C TRP A 113 -6.44 2.17 24.74
N ASN A 114 -6.30 0.93 24.28
CA ASN A 114 -5.54 -0.07 25.02
C ASN A 114 -4.07 0.25 25.26
N TYR A 115 -3.39 0.77 24.25
CA TYR A 115 -1.99 1.17 24.38
C TYR A 115 -1.97 2.57 23.78
N PRO A 116 -2.60 3.53 24.47
CA PRO A 116 -2.75 4.94 24.10
C PRO A 116 -1.46 5.74 23.84
N PHE A 117 -0.35 5.32 24.42
CA PHE A 117 0.89 6.05 24.17
C PHE A 117 1.60 5.46 22.97
N ASN A 118 1.57 4.13 22.89
CA ASN A 118 2.23 3.41 21.83
C ASN A 118 1.56 3.59 20.47
N LEU A 119 0.28 3.26 20.42
CA LEU A 119 -0.50 3.36 19.19
C LEU A 119 -0.69 4.78 18.66
N THR A 120 -0.05 5.76 19.28
CA THR A 120 -0.15 7.14 18.81
C THR A 120 1.21 7.75 18.49
N ILE A 121 2.15 7.57 19.40
CA ILE A 121 3.47 8.12 19.22
C ILE A 121 4.40 7.30 18.34
N GLN A 122 4.31 5.97 18.40
CA GLN A 122 5.19 5.15 17.58
C GLN A 122 5.02 5.39 16.08
N PRO A 123 3.77 5.36 15.55
CA PRO A 123 3.58 5.60 14.12
C PRO A 123 4.12 6.98 13.77
N MET A 124 3.94 7.93 14.70
CA MET A 124 4.39 9.30 14.52
C MET A 124 5.88 9.42 14.31
N VAL A 125 6.64 8.49 14.86
CA VAL A 125 8.11 8.49 14.71
C VAL A 125 8.41 8.35 13.22
N GLY A 126 7.72 7.41 12.59
CA GLY A 126 7.89 7.19 11.16
C GLY A 126 7.44 8.37 10.32
N ALA A 127 6.31 8.95 10.69
CA ALA A 127 5.73 10.09 9.99
C ALA A 127 6.63 11.34 10.04
N VAL A 128 7.25 11.60 11.19
CA VAL A 128 8.14 12.74 11.33
C VAL A 128 9.44 12.46 10.57
N ALA A 129 9.84 11.19 10.56
CA ALA A 129 11.06 10.80 9.88
C ALA A 129 11.00 11.05 8.38
N ALA A 130 9.81 10.83 7.81
CA ALA A 130 9.59 11.01 6.37
C ALA A 130 9.36 12.46 5.97
N GLY A 131 9.39 13.37 6.95
CA GLY A 131 9.20 14.79 6.67
C GLY A 131 7.78 15.28 6.51
N ASN A 132 6.83 14.60 7.15
CA ASN A 132 5.43 15.00 7.06
C ASN A 132 5.01 15.80 8.28
N ALA A 133 3.89 16.50 8.16
CA ALA A 133 3.34 17.23 9.28
C ALA A 133 2.41 16.13 9.80
N VAL A 134 2.22 16.06 11.11
CA VAL A 134 1.35 15.02 11.66
C VAL A 134 0.33 15.57 12.62
N ILE A 135 -0.91 15.09 12.46
CA ILE A 135 -1.99 15.47 13.36
C ILE A 135 -2.38 14.24 14.16
N LEU A 136 -2.18 14.30 15.48
CA LEU A 136 -2.53 13.17 16.36
C LEU A 136 -3.91 13.35 16.90
N LYS A 137 -4.70 12.29 16.78
CA LYS A 137 -6.06 12.25 17.28
C LYS A 137 -6.05 11.07 18.26
N PRO A 138 -5.73 11.35 19.54
CA PRO A 138 -5.66 10.35 20.60
C PRO A 138 -7.04 9.77 20.86
N SER A 139 -7.10 8.57 21.44
CA SER A 139 -8.39 7.98 21.76
C SER A 139 -8.97 8.74 22.95
N GLU A 140 -10.27 8.97 22.91
CA GLU A 140 -10.95 9.67 23.98
C GLU A 140 -11.31 8.69 25.09
N VAL A 141 -11.37 7.40 24.76
CA VAL A 141 -11.70 6.37 25.73
C VAL A 141 -10.67 6.31 26.86
N SER A 142 -9.39 6.45 26.52
CA SER A 142 -8.35 6.47 27.56
C SER A 142 -8.02 7.93 27.89
N GLY A 143 -9.06 8.72 28.05
CA GLY A 143 -8.96 10.14 28.34
C GLY A 143 -7.79 10.78 29.09
N HIS A 144 -7.18 10.08 30.05
CA HIS A 144 -6.05 10.66 30.78
C HIS A 144 -4.83 10.84 29.90
N MET A 145 -4.58 9.88 29.02
CA MET A 145 -3.44 9.99 28.11
C MET A 145 -3.77 11.02 27.02
N ALA A 146 -5.04 11.10 26.65
CA ALA A 146 -5.50 12.04 25.63
C ALA A 146 -5.06 13.45 26.06
N ASP A 147 -5.29 13.79 27.32
CA ASP A 147 -4.93 15.09 27.86
C ASP A 147 -3.41 15.31 27.95
N LEU A 148 -2.70 14.32 28.48
CA LEU A 148 -1.26 14.42 28.62
C LEU A 148 -0.64 14.71 27.27
N LEU A 149 -0.94 13.89 26.27
CA LEU A 149 -0.40 14.08 24.92
C LEU A 149 -0.74 15.45 24.36
N ALA A 150 -1.95 15.93 24.66
CA ALA A 150 -2.37 17.24 24.20
C ALA A 150 -1.55 18.34 24.86
N THR A 151 -0.98 18.06 26.03
CA THR A 151 -0.17 19.07 26.71
C THR A 151 1.33 18.92 26.42
N LEU A 152 1.80 17.69 26.40
CA LEU A 152 3.21 17.43 26.19
C LEU A 152 3.73 17.73 24.79
N ILE A 153 2.98 17.38 23.75
CA ILE A 153 3.41 17.59 22.37
C ILE A 153 3.89 19.03 22.06
N PRO A 154 3.08 20.07 22.32
CA PRO A 154 3.46 21.47 22.05
C PRO A 154 4.59 22.01 22.93
N GLN A 155 5.01 21.24 23.92
CA GLN A 155 6.08 21.68 24.78
C GLN A 155 7.42 21.26 24.19
N TYR A 156 7.38 20.30 23.27
CA TYR A 156 8.61 19.79 22.68
C TYR A 156 8.68 19.81 21.15
N MET A 157 7.57 19.54 20.48
CA MET A 157 7.53 19.51 19.02
C MET A 157 7.22 20.87 18.43
N ASP A 158 7.37 20.97 17.11
CA ASP A 158 7.09 22.19 16.37
C ASP A 158 5.57 22.38 16.40
N GLN A 159 5.12 23.53 16.92
CA GLN A 159 3.71 23.85 17.06
C GLN A 159 2.90 24.14 15.78
N ASN A 160 3.53 24.05 14.62
CA ASN A 160 2.84 24.32 13.37
C ASN A 160 2.75 23.06 12.55
N LEU A 161 3.72 22.18 12.76
CA LEU A 161 3.78 20.93 12.03
C LEU A 161 3.15 19.73 12.74
N TYR A 162 3.36 19.66 14.05
CA TYR A 162 2.85 18.53 14.82
C TYR A 162 1.80 19.02 15.81
N LEU A 163 0.54 18.75 15.47
CA LEU A 163 -0.63 19.18 16.25
C LEU A 163 -1.48 18.03 16.78
N VAL A 164 -2.10 18.25 17.94
CA VAL A 164 -2.95 17.25 18.57
C VAL A 164 -4.41 17.73 18.58
N VAL A 165 -5.31 16.89 18.09
CA VAL A 165 -6.72 17.22 18.07
C VAL A 165 -7.39 16.27 19.04
N LYS A 166 -8.07 16.80 20.04
CA LYS A 166 -8.77 15.95 21.01
C LYS A 166 -10.24 15.84 20.68
N GLY A 167 -10.86 14.73 21.05
CA GLY A 167 -12.28 14.57 20.81
C GLY A 167 -12.78 13.16 20.60
N GLY A 168 -14.10 13.01 20.69
CA GLY A 168 -14.73 11.72 20.50
C GLY A 168 -15.20 11.57 19.07
N VAL A 169 -16.25 10.78 18.87
CA VAL A 169 -16.79 10.56 17.54
C VAL A 169 -17.10 11.84 16.75
N PRO A 170 -17.83 12.81 17.33
CA PRO A 170 -18.15 14.06 16.61
C PRO A 170 -16.92 14.83 16.07
N GLU A 171 -15.90 14.93 16.89
CA GLU A 171 -14.68 15.64 16.52
C GLU A 171 -13.97 14.91 15.39
N THR A 172 -13.93 13.59 15.49
CA THR A 172 -13.27 12.75 14.48
C THR A 172 -14.00 12.82 13.13
N THR A 173 -15.30 12.66 13.15
CA THR A 173 -16.08 12.69 11.93
C THR A 173 -15.85 14.02 11.20
N GLU A 174 -15.84 15.12 11.93
CA GLU A 174 -15.59 16.42 11.33
C GLU A 174 -14.17 16.43 10.74
N LEU A 175 -13.24 15.84 11.48
CA LEU A 175 -11.83 15.78 11.07
C LEU A 175 -11.61 14.90 9.84
N LEU A 176 -12.44 13.87 9.68
CA LEU A 176 -12.31 12.98 8.54
C LEU A 176 -12.83 13.60 7.26
N LYS A 177 -13.32 14.84 7.34
CA LYS A 177 -13.82 15.52 6.15
C LYS A 177 -12.71 16.37 5.55
N GLU A 178 -11.61 16.52 6.28
CA GLU A 178 -10.48 17.30 5.78
C GLU A 178 -9.71 16.47 4.79
N ARG A 179 -8.69 17.08 4.17
CA ARG A 179 -7.89 16.37 3.20
C ARG A 179 -6.51 16.11 3.75
N PHE A 180 -6.18 14.84 3.88
CA PHE A 180 -4.87 14.42 4.39
C PHE A 180 -4.20 13.68 3.25
N ASP A 181 -2.89 13.52 3.34
CA ASP A 181 -2.13 12.81 2.31
C ASP A 181 -1.91 11.37 2.72
N HIS A 182 -2.42 11.02 3.91
CA HIS A 182 -2.32 9.67 4.45
C HIS A 182 -2.95 9.62 5.83
N ILE A 183 -3.73 8.57 6.08
CA ILE A 183 -4.36 8.38 7.38
C ILE A 183 -3.93 7.04 7.96
N MET A 184 -3.30 7.10 9.13
CA MET A 184 -2.84 5.93 9.88
C MET A 184 -3.96 5.70 10.90
N TYR A 185 -4.49 4.48 10.93
CA TYR A 185 -5.57 4.15 11.85
C TYR A 185 -5.45 2.77 12.50
N THR A 186 -5.70 2.75 13.80
CA THR A 186 -5.63 1.54 14.59
C THR A 186 -6.93 1.52 15.38
N GLY A 187 -7.71 0.46 15.25
CA GLY A 187 -8.95 0.38 15.98
C GLY A 187 -9.72 -0.88 15.63
N SER A 188 -11.03 -0.75 15.45
CA SER A 188 -11.86 -1.90 15.13
C SER A 188 -12.12 -2.01 13.63
N THR A 189 -12.46 -3.22 13.19
CA THR A 189 -12.75 -3.49 11.79
C THR A 189 -13.95 -2.71 11.26
N ALA A 190 -14.96 -2.54 12.11
CA ALA A 190 -16.16 -1.81 11.71
C ALA A 190 -15.82 -0.35 11.42
N VAL A 191 -15.11 0.30 12.35
CA VAL A 191 -14.72 1.71 12.19
C VAL A 191 -13.65 1.88 11.12
N GLY A 192 -12.88 0.81 10.87
CA GLY A 192 -11.86 0.88 9.85
C GLY A 192 -12.52 1.14 8.51
N LYS A 193 -13.72 0.57 8.31
CA LYS A 193 -14.48 0.73 7.09
C LYS A 193 -14.88 2.19 6.90
N ILE A 194 -15.34 2.79 7.99
CA ILE A 194 -15.78 4.18 8.02
C ILE A 194 -14.62 5.08 7.62
N VAL A 195 -13.44 4.78 8.17
CA VAL A 195 -12.22 5.51 7.90
C VAL A 195 -11.84 5.45 6.42
N MET A 196 -11.78 4.24 5.86
CA MET A 196 -11.44 4.08 4.46
C MET A 196 -12.42 4.86 3.57
N ALA A 197 -13.71 4.72 3.85
CA ALA A 197 -14.75 5.42 3.09
C ALA A 197 -14.55 6.94 3.07
N ALA A 198 -14.11 7.51 4.19
CA ALA A 198 -13.85 8.95 4.25
C ALA A 198 -12.63 9.27 3.37
N ALA A 199 -11.62 8.41 3.43
CA ALA A 199 -10.42 8.61 2.65
C ALA A 199 -10.65 8.49 1.14
N ALA A 200 -11.59 7.65 0.74
CA ALA A 200 -11.90 7.48 -0.69
C ALA A 200 -12.30 8.81 -1.32
N LYS A 201 -13.04 9.63 -0.60
CA LYS A 201 -13.48 10.94 -1.09
C LYS A 201 -12.31 11.86 -1.50
N HIS A 202 -11.12 11.62 -0.96
CA HIS A 202 -9.97 12.44 -1.30
C HIS A 202 -8.87 11.59 -1.91
N LEU A 203 -9.19 10.35 -2.25
CA LEU A 203 -8.20 9.40 -2.78
C LEU A 203 -6.96 9.28 -1.87
N THR A 204 -7.12 9.53 -0.58
CA THR A 204 -5.98 9.42 0.33
C THR A 204 -5.73 7.99 0.76
N PRO A 205 -4.45 7.58 0.77
CA PRO A 205 -4.04 6.24 1.18
C PRO A 205 -4.09 6.10 2.69
N VAL A 206 -4.39 4.89 3.14
CA VAL A 206 -4.53 4.58 4.56
C VAL A 206 -3.77 3.33 5.02
N THR A 207 -3.30 3.37 6.27
CA THR A 207 -2.65 2.24 6.89
C THR A 207 -3.67 1.80 7.95
N LEU A 208 -4.18 0.59 7.84
CA LEU A 208 -5.18 0.10 8.78
C LEU A 208 -4.74 -1.12 9.56
N GLU A 209 -4.65 -0.93 10.86
CA GLU A 209 -4.28 -1.97 11.81
C GLU A 209 -5.55 -2.25 12.58
N LEU A 210 -6.25 -3.29 12.16
CA LEU A 210 -7.51 -3.68 12.78
C LEU A 210 -7.19 -4.93 13.61
N GLY A 211 -8.18 -5.78 13.89
CA GLY A 211 -7.87 -6.96 14.67
C GLY A 211 -8.71 -8.16 14.27
N GLY A 212 -8.84 -9.09 15.22
CA GLY A 212 -9.61 -10.30 15.00
C GLY A 212 -9.30 -11.30 16.10
N LYS A 213 -9.41 -12.58 15.79
CA LYS A 213 -9.13 -13.60 16.79
C LYS A 213 -7.88 -14.38 16.45
N SER A 214 -6.75 -13.98 17.03
CA SER A 214 -5.45 -14.63 16.81
C SER A 214 -5.36 -16.02 17.43
N PRO A 215 -5.46 -17.07 16.60
CA PRO A 215 -5.39 -18.45 17.09
C PRO A 215 -4.02 -18.78 17.66
N CYS A 216 -3.99 -19.79 18.51
CA CYS A 216 -2.76 -20.27 19.14
C CYS A 216 -2.84 -21.79 19.11
N TYR A 217 -2.10 -22.40 18.18
CA TYR A 217 -2.12 -23.84 18.08
C TYR A 217 -1.02 -24.45 18.94
N VAL A 218 -1.41 -25.43 19.76
CA VAL A 218 -0.46 -26.11 20.63
C VAL A 218 -0.33 -27.57 20.19
N ASP A 219 0.86 -27.93 19.73
CA ASP A 219 1.15 -29.26 19.26
C ASP A 219 1.54 -30.18 20.41
N LYS A 220 1.16 -31.45 20.28
CA LYS A 220 1.44 -32.49 21.28
C LYS A 220 2.94 -32.56 21.56
N ASP A 221 3.75 -32.62 20.50
CA ASP A 221 5.18 -32.65 20.65
C ASP A 221 5.61 -31.21 20.94
N CYS A 222 5.45 -30.82 22.19
CA CYS A 222 5.79 -29.47 22.60
C CYS A 222 6.00 -29.42 24.10
N ASP A 223 7.09 -28.79 24.54
CA ASP A 223 7.35 -28.66 25.97
C ASP A 223 6.25 -27.76 26.52
N LEU A 224 5.18 -28.39 27.00
CA LEU A 224 4.04 -27.70 27.54
C LEU A 224 4.31 -26.73 28.70
N ASP A 225 5.38 -26.95 29.43
CA ASP A 225 5.73 -26.09 30.56
C ASP A 225 6.20 -24.72 30.09
N VAL A 226 7.18 -24.71 29.17
CA VAL A 226 7.67 -23.47 28.63
C VAL A 226 6.55 -22.87 27.76
N ALA A 227 5.96 -23.70 26.92
CA ALA A 227 4.88 -23.25 26.04
C ALA A 227 3.84 -22.46 26.80
N CYS A 228 3.22 -23.09 27.80
CA CYS A 228 2.19 -22.44 28.60
C CYS A 228 2.66 -21.24 29.42
N ARG A 229 3.95 -21.17 29.72
CA ARG A 229 4.48 -20.05 30.49
C ARG A 229 4.47 -18.79 29.61
N ARG A 230 4.79 -18.99 28.34
CA ARG A 230 4.83 -17.93 27.35
C ARG A 230 3.41 -17.51 26.94
N ILE A 231 2.56 -18.50 26.68
CA ILE A 231 1.18 -18.22 26.31
C ILE A 231 0.43 -17.42 27.37
N ALA A 232 0.67 -17.75 28.65
CA ALA A 232 0.01 -17.06 29.76
C ALA A 232 0.47 -15.61 29.86
N TRP A 233 1.76 -15.38 29.70
CA TRP A 233 2.32 -14.03 29.74
C TRP A 233 1.58 -13.15 28.74
N GLY A 234 1.71 -13.48 27.47
CA GLY A 234 1.07 -12.72 26.40
C GLY A 234 -0.45 -12.56 26.49
N LYS A 235 -1.14 -13.59 26.95
CA LYS A 235 -2.58 -13.52 27.07
C LYS A 235 -3.15 -12.62 28.19
N PHE A 236 -2.43 -12.46 29.30
CA PHE A 236 -2.93 -11.64 30.40
C PHE A 236 -2.16 -10.34 30.62
N MET A 237 -1.21 -10.10 29.74
CA MET A 237 -0.33 -8.93 29.75
C MET A 237 -0.94 -7.55 30.05
N ASN A 238 -2.04 -7.21 29.38
CA ASN A 238 -2.70 -5.93 29.59
C ASN A 238 -4.16 -6.33 29.78
N SER A 239 -4.35 -7.23 30.75
CA SER A 239 -5.67 -7.76 31.09
C SER A 239 -6.34 -8.33 29.84
N GLY A 240 -5.52 -8.93 28.97
CA GLY A 240 -5.98 -9.52 27.72
C GLY A 240 -6.31 -8.50 26.64
N GLN A 241 -6.04 -7.24 26.88
CA GLN A 241 -6.36 -6.16 25.93
C GLN A 241 -5.23 -5.73 25.00
N THR A 242 -4.82 -6.63 24.13
CA THR A 242 -3.75 -6.37 23.18
C THR A 242 -4.17 -6.95 21.83
N CYS A 243 -3.86 -6.21 20.76
CA CYS A 243 -4.20 -6.59 19.40
C CYS A 243 -3.56 -7.88 18.87
N VAL A 244 -2.36 -8.20 19.32
CA VAL A 244 -1.69 -9.43 18.88
C VAL A 244 -1.63 -10.42 20.04
N ALA A 245 -2.75 -10.61 20.71
CA ALA A 245 -2.81 -11.51 21.85
C ALA A 245 -3.42 -12.86 21.49
N PRO A 246 -2.95 -13.95 22.13
CA PRO A 246 -3.50 -15.27 21.82
C PRO A 246 -4.95 -15.32 22.30
N ASP A 247 -5.87 -15.07 21.40
CA ASP A 247 -7.29 -15.04 21.68
C ASP A 247 -7.85 -16.38 22.22
N TYR A 248 -7.51 -17.47 21.55
CA TYR A 248 -7.98 -18.79 21.96
C TYR A 248 -6.94 -19.84 21.64
N ILE A 249 -7.05 -20.98 22.32
CA ILE A 249 -6.09 -22.07 22.09
C ILE A 249 -6.74 -23.21 21.32
N LEU A 250 -5.97 -23.80 20.42
CA LEU A 250 -6.43 -24.92 19.62
C LEU A 250 -5.49 -26.07 19.97
N CYS A 251 -6.07 -27.21 20.33
CA CYS A 251 -5.25 -28.37 20.72
C CYS A 251 -6.01 -29.68 20.67
N ASP A 252 -5.27 -30.77 20.86
CA ASP A 252 -5.84 -32.11 20.88
C ASP A 252 -6.36 -32.27 22.31
N PRO A 253 -7.58 -32.80 22.47
CA PRO A 253 -8.22 -33.03 23.77
C PRO A 253 -7.35 -33.74 24.82
N SER A 254 -6.41 -34.56 24.37
CA SER A 254 -5.50 -35.28 25.26
C SER A 254 -4.68 -34.34 26.15
N ILE A 255 -4.31 -33.18 25.62
CA ILE A 255 -3.53 -32.23 26.41
C ILE A 255 -4.37 -31.08 26.97
N GLN A 256 -5.68 -31.14 26.70
CA GLN A 256 -6.66 -30.15 27.14
C GLN A 256 -6.44 -29.70 28.59
N ASN A 257 -6.43 -30.68 29.49
CA ASN A 257 -6.28 -30.45 30.94
C ASN A 257 -4.88 -30.08 31.39
N GLN A 258 -3.88 -30.65 30.72
CA GLN A 258 -2.50 -30.36 31.06
C GLN A 258 -2.22 -28.88 30.79
N ILE A 259 -2.74 -28.37 29.67
CA ILE A 259 -2.59 -26.96 29.32
C ILE A 259 -3.15 -26.13 30.48
N VAL A 260 -4.37 -26.47 30.89
CA VAL A 260 -5.05 -25.77 31.99
C VAL A 260 -4.21 -25.65 33.25
N GLU A 261 -3.66 -26.77 33.69
CA GLU A 261 -2.84 -26.83 34.91
C GLU A 261 -1.61 -25.93 34.82
N LYS A 262 -0.84 -26.07 33.74
CA LYS A 262 0.36 -25.26 33.53
C LYS A 262 -0.01 -23.76 33.41
N LEU A 263 -1.13 -23.46 32.76
CA LEU A 263 -1.55 -22.06 32.64
C LEU A 263 -1.77 -21.50 34.03
N LYS A 264 -2.63 -22.14 34.81
CA LYS A 264 -2.90 -21.66 36.15
C LYS A 264 -1.65 -21.66 37.05
N LYS A 265 -0.68 -22.47 36.68
CA LYS A 265 0.57 -22.51 37.42
C LYS A 265 1.23 -21.17 37.15
N SER A 266 1.52 -20.90 35.87
CA SER A 266 2.15 -19.66 35.44
C SER A 266 1.41 -18.43 35.95
N LEU A 267 0.09 -18.53 36.06
CA LEU A 267 -0.72 -17.45 36.58
C LEU A 267 -0.30 -17.19 38.04
N LYS A 268 -0.13 -18.27 38.81
CA LYS A 268 0.30 -18.16 40.20
C LYS A 268 1.68 -17.54 40.30
N ASP A 269 2.58 -17.93 39.40
CA ASP A 269 3.95 -17.41 39.41
C ASP A 269 4.02 -15.89 39.17
N PHE A 270 3.06 -15.36 38.40
CA PHE A 270 3.03 -13.94 38.08
C PHE A 270 2.20 -13.10 39.04
N TYR A 271 0.99 -13.55 39.30
CA TYR A 271 0.05 -12.80 40.14
C TYR A 271 -0.29 -13.39 41.50
N GLY A 272 0.41 -14.45 41.87
CA GLY A 272 0.15 -15.08 43.16
C GLY A 272 -1.15 -15.88 43.17
N GLU A 273 -1.71 -16.08 44.36
CA GLU A 273 -2.94 -16.82 44.51
C GLU A 273 -4.16 -16.03 44.06
N ASP A 274 -4.18 -14.74 44.37
CA ASP A 274 -5.29 -13.88 43.96
C ASP A 274 -4.74 -12.77 43.07
N ALA A 275 -5.19 -12.78 41.81
CA ALA A 275 -4.75 -11.80 40.83
C ALA A 275 -5.11 -10.41 41.30
N LYS A 276 -6.27 -10.30 41.95
CA LYS A 276 -6.76 -9.02 42.46
C LYS A 276 -5.81 -8.39 43.49
N GLN A 277 -4.80 -9.13 43.90
CA GLN A 277 -3.82 -8.63 44.87
C GLN A 277 -2.59 -8.08 44.19
N SER A 278 -2.25 -8.69 43.06
CA SER A 278 -1.07 -8.31 42.29
C SER A 278 -1.15 -6.91 41.68
N ARG A 279 -0.06 -6.16 41.83
CA ARG A 279 0.01 -4.81 41.29
C ARG A 279 0.35 -4.85 39.80
N ASP A 280 0.80 -6.00 39.33
CA ASP A 280 1.19 -6.20 37.93
C ASP A 280 0.05 -6.63 37.03
N TYR A 281 -1.11 -6.87 37.62
CA TYR A 281 -2.26 -7.27 36.82
C TYR A 281 -3.00 -5.97 36.51
N GLY A 282 -3.54 -5.85 35.30
CA GLY A 282 -4.23 -4.64 34.92
C GLY A 282 -5.72 -4.65 35.07
N ARG A 283 -6.33 -3.49 34.87
CA ARG A 283 -7.78 -3.30 34.95
C ARG A 283 -8.36 -3.01 33.55
N ILE A 284 -9.60 -3.47 33.32
CA ILE A 284 -10.30 -3.26 32.05
C ILE A 284 -10.51 -1.77 31.82
N ILE A 285 -10.47 -1.32 30.56
CA ILE A 285 -10.64 0.10 30.27
C ILE A 285 -11.88 0.77 30.85
N ASN A 286 -13.07 0.27 30.51
CA ASN A 286 -14.30 0.87 30.99
C ASN A 286 -15.45 -0.11 31.27
N ASP A 287 -16.60 0.44 31.69
CA ASP A 287 -17.80 -0.33 32.04
C ASP A 287 -18.43 -1.15 30.93
N ARG A 288 -18.56 -0.54 29.77
CA ARG A 288 -19.12 -1.17 28.57
C ARG A 288 -18.31 -2.41 28.20
N HIS A 289 -16.99 -2.30 28.24
CA HIS A 289 -16.13 -3.42 27.90
C HIS A 289 -16.12 -4.42 29.04
N PHE A 290 -16.22 -3.90 30.26
CA PHE A 290 -16.26 -4.75 31.43
C PHE A 290 -17.47 -5.69 31.32
N GLN A 291 -18.63 -5.12 31.00
CA GLN A 291 -19.84 -5.93 30.85
C GLN A 291 -19.74 -6.95 29.71
N ARG A 292 -19.23 -6.54 28.56
CA ARG A 292 -19.14 -7.46 27.42
C ARG A 292 -18.16 -8.63 27.59
N VAL A 293 -17.03 -8.40 28.24
CA VAL A 293 -16.06 -9.46 28.42
C VAL A 293 -16.63 -10.46 29.42
N LYS A 294 -17.25 -9.92 30.47
CA LYS A 294 -17.87 -10.70 31.54
C LYS A 294 -18.99 -11.57 31.00
N GLY A 295 -19.85 -10.97 30.17
CA GLY A 295 -20.96 -11.68 29.58
C GLY A 295 -20.50 -12.88 28.79
N LEU A 296 -19.27 -12.80 28.28
CA LEU A 296 -18.70 -13.88 27.49
C LEU A 296 -18.36 -15.15 28.29
N ILE A 297 -18.40 -15.07 29.62
CA ILE A 297 -18.10 -16.24 30.44
C ILE A 297 -19.34 -17.08 30.75
N ASP A 298 -20.51 -16.48 30.60
CA ASP A 298 -21.81 -17.12 30.85
C ASP A 298 -22.03 -18.36 30.01
N ASN A 299 -22.80 -19.31 30.55
CA ASN A 299 -23.10 -20.57 29.85
C ASN A 299 -21.85 -21.17 29.24
N GLN A 300 -20.78 -21.22 30.03
CA GLN A 300 -19.51 -21.76 29.58
C GLN A 300 -18.93 -22.60 30.72
N LYS A 301 -18.02 -23.52 30.41
CA LYS A 301 -17.40 -24.37 31.44
C LYS A 301 -16.17 -23.73 32.05
N VAL A 302 -16.36 -23.02 33.17
CA VAL A 302 -15.26 -22.35 33.84
C VAL A 302 -14.38 -23.27 34.70
N ALA A 303 -13.17 -23.52 34.23
CA ALA A 303 -12.22 -24.36 34.94
C ALA A 303 -11.37 -23.55 35.91
N HIS A 304 -11.18 -22.27 35.64
CA HIS A 304 -10.38 -21.41 36.52
C HIS A 304 -10.88 -19.99 36.40
N GLY A 305 -10.61 -19.17 37.41
CA GLY A 305 -11.07 -17.80 37.40
C GLY A 305 -12.58 -17.79 37.32
N GLY A 306 -13.15 -16.71 36.79
CA GLY A 306 -14.59 -16.62 36.67
C GLY A 306 -15.20 -15.56 37.56
N THR A 307 -14.39 -14.99 38.43
CA THR A 307 -14.85 -13.97 39.37
C THR A 307 -14.39 -12.60 38.90
N TRP A 308 -15.12 -11.58 39.31
CA TRP A 308 -14.80 -10.21 38.92
C TRP A 308 -15.22 -9.17 39.94
N ASP A 309 -14.67 -7.97 39.80
CA ASP A 309 -14.99 -6.87 40.69
C ASP A 309 -15.42 -5.70 39.82
N GLN A 310 -16.73 -5.49 39.77
CA GLN A 310 -17.37 -4.43 38.99
C GLN A 310 -16.86 -3.02 39.31
N SER A 311 -16.54 -2.80 40.59
CA SER A 311 -16.06 -1.49 41.06
C SER A 311 -14.71 -1.08 40.48
N SER A 312 -13.74 -1.99 40.55
CA SER A 312 -12.41 -1.71 40.05
C SER A 312 -12.23 -2.19 38.62
N ARG A 313 -13.33 -2.62 38.00
CA ARG A 313 -13.32 -3.13 36.64
C ARG A 313 -12.32 -4.25 36.49
N TYR A 314 -12.31 -5.12 37.51
CA TYR A 314 -11.43 -6.27 37.56
C TYR A 314 -12.18 -7.49 37.05
N ILE A 315 -11.45 -8.36 36.36
CA ILE A 315 -11.97 -9.62 35.86
C ILE A 315 -10.81 -10.60 36.08
N ALA A 316 -11.04 -11.60 36.90
CA ALA A 316 -10.01 -12.58 37.22
C ALA A 316 -9.54 -13.39 36.01
N PRO A 317 -8.25 -13.77 36.00
CA PRO A 317 -7.68 -14.56 34.90
C PRO A 317 -8.50 -15.84 34.76
N THR A 318 -9.51 -15.81 33.91
CA THR A 318 -10.36 -16.96 33.71
C THR A 318 -9.96 -17.79 32.51
N ILE A 319 -10.16 -19.10 32.61
CA ILE A 319 -9.86 -20.08 31.56
C ILE A 319 -11.16 -20.82 31.32
N LEU A 320 -11.42 -21.21 30.07
CA LEU A 320 -12.64 -21.95 29.73
C LEU A 320 -12.22 -23.22 29.00
N VAL A 321 -12.99 -24.31 29.16
CA VAL A 321 -12.64 -25.58 28.51
C VAL A 321 -13.75 -26.17 27.65
N ASP A 322 -13.37 -27.09 26.75
CA ASP A 322 -14.31 -27.74 25.85
C ASP A 322 -15.33 -26.75 25.25
N VAL A 323 -14.85 -25.56 24.90
CA VAL A 323 -15.69 -24.48 24.34
C VAL A 323 -16.28 -24.77 22.96
N ASP A 324 -17.51 -24.28 22.75
CA ASP A 324 -18.20 -24.47 21.48
C ASP A 324 -17.85 -23.29 20.55
N PRO A 325 -17.25 -23.58 19.40
CA PRO A 325 -16.89 -22.50 18.48
C PRO A 325 -18.04 -21.57 18.10
N GLN A 326 -19.28 -22.03 18.23
CA GLN A 326 -20.42 -21.17 17.91
C GLN A 326 -20.87 -20.28 19.07
N SER A 327 -20.27 -20.48 20.24
CA SER A 327 -20.58 -19.69 21.42
C SER A 327 -19.96 -18.29 21.26
N PRO A 328 -20.54 -17.26 21.91
CA PRO A 328 -20.03 -15.88 21.84
C PRO A 328 -18.55 -15.61 22.08
N VAL A 329 -17.89 -16.42 22.90
CA VAL A 329 -16.48 -16.22 23.16
C VAL A 329 -15.68 -16.64 21.94
N MET A 330 -16.34 -17.35 21.04
CA MET A 330 -15.68 -17.80 19.82
C MET A 330 -16.32 -17.14 18.60
N GLN A 331 -17.00 -16.03 18.83
CA GLN A 331 -17.66 -15.29 17.76
C GLN A 331 -17.13 -13.87 17.70
N GLU A 332 -16.55 -13.40 18.79
CA GLU A 332 -15.99 -12.05 18.82
C GLU A 332 -14.59 -12.03 19.37
N GLU A 333 -13.87 -10.96 19.05
CA GLU A 333 -12.51 -10.77 19.54
C GLU A 333 -12.68 -10.54 21.03
N ILE A 334 -12.03 -11.38 21.81
CA ILE A 334 -12.09 -11.28 23.26
C ILE A 334 -11.01 -10.27 23.61
N PHE A 335 -11.41 -9.09 24.05
CA PHE A 335 -10.39 -8.11 24.39
C PHE A 335 -10.33 -8.08 25.92
N GLY A 336 -10.08 -9.24 26.50
CA GLY A 336 -10.03 -9.34 27.94
C GLY A 336 -9.29 -10.59 28.39
N PRO A 337 -9.30 -10.87 29.70
CA PRO A 337 -8.59 -12.04 30.24
C PRO A 337 -9.39 -13.34 30.29
N VAL A 338 -10.01 -13.71 29.17
CA VAL A 338 -10.77 -14.95 29.10
C VAL A 338 -10.17 -15.82 28.00
N MET A 339 -9.56 -16.93 28.39
CA MET A 339 -8.92 -17.83 27.43
C MET A 339 -9.73 -19.09 27.10
N PRO A 340 -10.38 -19.12 25.93
CA PRO A 340 -11.14 -20.31 25.58
C PRO A 340 -10.18 -21.33 25.01
N ILE A 341 -10.53 -22.61 25.17
CA ILE A 341 -9.72 -23.69 24.65
C ILE A 341 -10.62 -24.56 23.80
N VAL A 342 -10.36 -24.54 22.50
CA VAL A 342 -11.13 -25.32 21.54
C VAL A 342 -10.32 -26.55 21.18
N CYS A 343 -10.98 -27.69 21.01
CA CYS A 343 -10.28 -28.92 20.69
C CYS A 343 -10.42 -29.38 19.24
N VAL A 344 -9.28 -29.71 18.63
CA VAL A 344 -9.24 -30.22 17.26
C VAL A 344 -8.54 -31.57 17.29
N ARG A 345 -9.01 -32.50 16.48
CA ARG A 345 -8.43 -33.83 16.44
C ARG A 345 -7.07 -33.97 15.72
N SER A 346 -6.78 -33.10 14.76
CA SER A 346 -5.50 -33.15 14.01
C SER A 346 -5.01 -31.78 13.56
N LEU A 347 -3.81 -31.73 12.97
CA LEU A 347 -3.27 -30.46 12.48
C LEU A 347 -4.11 -30.00 11.32
N GLU A 348 -4.46 -30.95 10.43
CA GLU A 348 -5.30 -30.67 9.29
C GLU A 348 -6.51 -29.92 9.79
N GLU A 349 -7.06 -30.43 10.89
CA GLU A 349 -8.24 -29.87 11.50
C GLU A 349 -8.03 -28.46 12.04
N ALA A 350 -6.84 -28.16 12.54
CA ALA A 350 -6.54 -26.84 13.07
C ALA A 350 -6.54 -25.83 11.92
N ILE A 351 -5.91 -26.22 10.82
CA ILE A 351 -5.79 -25.39 9.62
C ILE A 351 -7.15 -25.09 8.97
N GLN A 352 -7.99 -26.10 8.82
CA GLN A 352 -9.31 -25.87 8.22
C GLN A 352 -10.09 -24.89 9.08
N PHE A 353 -10.00 -25.08 10.39
CA PHE A 353 -10.68 -24.22 11.36
C PHE A 353 -10.29 -22.77 11.15
N ILE A 354 -9.00 -22.49 11.29
CA ILE A 354 -8.46 -21.15 11.11
C ILE A 354 -8.85 -20.56 9.77
N ASN A 355 -8.65 -21.32 8.69
CA ASN A 355 -8.98 -20.87 7.35
C ASN A 355 -10.46 -20.69 7.06
N GLN A 356 -11.33 -21.12 7.98
CA GLN A 356 -12.77 -20.94 7.78
C GLN A 356 -13.24 -19.59 8.33
N ARG A 357 -12.31 -18.82 8.91
CA ARG A 357 -12.61 -17.51 9.49
C ARG A 357 -11.79 -16.35 8.87
N GLU A 358 -12.16 -15.12 9.18
CA GLU A 358 -11.45 -13.95 8.68
C GLU A 358 -9.99 -14.09 9.05
N LYS A 359 -9.11 -13.55 8.24
CA LYS A 359 -7.68 -13.65 8.49
C LYS A 359 -7.36 -12.84 9.74
N PRO A 360 -6.51 -13.40 10.62
CA PRO A 360 -6.17 -12.69 11.86
C PRO A 360 -4.91 -11.83 11.76
N LEU A 361 -4.77 -10.92 12.73
CA LEU A 361 -3.61 -10.04 12.80
C LEU A 361 -2.38 -10.86 13.16
N ALA A 362 -2.59 -11.97 13.88
CA ALA A 362 -1.50 -12.83 14.32
C ALA A 362 -1.90 -14.32 14.32
N LEU A 363 -0.91 -15.19 14.34
CA LEU A 363 -1.08 -16.65 14.34
C LEU A 363 0.13 -17.16 15.11
N TYR A 364 -0.10 -18.07 16.07
CA TYR A 364 0.97 -18.67 16.89
C TYR A 364 0.93 -20.18 16.79
N VAL A 365 2.12 -20.77 16.80
CA VAL A 365 2.25 -22.22 16.72
C VAL A 365 3.27 -22.64 17.74
N PHE A 366 2.94 -23.66 18.53
CA PHE A 366 3.88 -24.17 19.51
C PHE A 366 4.11 -25.64 19.17
N SER A 367 5.36 -25.96 18.92
CA SER A 367 5.76 -27.30 18.55
C SER A 367 7.26 -27.45 18.51
N ASN A 368 7.72 -28.69 18.66
CA ASN A 368 9.14 -28.99 18.59
C ASN A 368 9.39 -29.45 17.17
N ASN A 369 8.34 -29.92 16.51
CA ASN A 369 8.47 -30.40 15.14
C ASN A 369 8.45 -29.28 14.11
N GLU A 370 9.64 -28.90 13.62
CA GLU A 370 9.79 -27.84 12.63
C GLU A 370 8.80 -27.98 11.47
N LYS A 371 8.68 -29.19 10.92
CA LYS A 371 7.77 -29.44 9.80
C LYS A 371 6.36 -29.00 10.12
N VAL A 372 5.96 -29.10 11.37
CA VAL A 372 4.62 -28.71 11.77
C VAL A 372 4.50 -27.20 11.73
N ILE A 373 5.59 -26.54 12.14
CA ILE A 373 5.64 -25.08 12.15
C ILE A 373 5.49 -24.54 10.74
N LYS A 374 6.28 -25.09 9.81
CA LYS A 374 6.21 -24.66 8.42
C LYS A 374 4.89 -24.99 7.72
N LYS A 375 4.31 -26.15 8.01
CA LYS A 375 3.04 -26.53 7.38
C LYS A 375 1.91 -25.59 7.81
N MET A 376 1.97 -25.12 9.06
CA MET A 376 0.96 -24.22 9.60
C MET A 376 1.05 -22.89 8.85
N ILE A 377 2.28 -22.38 8.76
CA ILE A 377 2.54 -21.12 8.07
C ILE A 377 2.16 -21.23 6.60
N ALA A 378 2.78 -22.18 5.91
CA ALA A 378 2.52 -22.40 4.49
C ALA A 378 1.08 -22.68 4.10
N GLU A 379 0.20 -22.93 5.07
CA GLU A 379 -1.18 -23.23 4.72
C GLU A 379 -2.26 -22.33 5.29
N THR A 380 -1.85 -21.30 6.01
CA THR A 380 -2.79 -20.35 6.58
C THR A 380 -2.34 -18.95 6.20
N SER A 381 -3.13 -17.95 6.55
CA SER A 381 -2.79 -16.58 6.26
C SER A 381 -3.13 -15.72 7.47
N SER A 382 -2.23 -14.80 7.79
CA SER A 382 -2.44 -13.90 8.92
C SER A 382 -1.47 -12.74 8.76
N GLY A 383 -1.71 -11.66 9.50
CA GLY A 383 -0.82 -10.52 9.43
C GLY A 383 0.60 -10.99 9.66
N GLY A 384 0.93 -11.24 10.94
CA GLY A 384 2.26 -11.71 11.30
C GLY A 384 2.23 -13.07 12.00
N VAL A 385 3.40 -13.63 12.30
CA VAL A 385 3.48 -14.92 12.96
C VAL A 385 4.67 -15.00 13.91
N THR A 386 4.53 -15.83 14.93
CA THR A 386 5.60 -16.10 15.91
C THR A 386 5.44 -17.57 16.29
N ALA A 387 6.46 -18.37 16.00
CA ALA A 387 6.42 -19.80 16.33
C ALA A 387 7.14 -20.04 17.66
N ASN A 388 6.44 -20.64 18.61
CA ASN A 388 6.98 -20.96 19.94
C ASN A 388 7.14 -19.83 20.94
N ASP A 389 6.41 -18.74 20.68
CA ASP A 389 6.36 -17.58 21.54
C ASP A 389 5.11 -16.81 21.16
N VAL A 390 4.94 -15.62 21.71
CA VAL A 390 3.75 -14.83 21.46
C VAL A 390 4.05 -13.33 21.56
N ILE A 391 3.35 -12.51 20.75
CA ILE A 391 3.50 -11.05 20.79
C ILE A 391 4.80 -10.48 20.24
N VAL A 392 5.89 -11.12 20.60
CA VAL A 392 7.24 -10.71 20.25
C VAL A 392 7.54 -10.26 18.81
N HIS A 393 6.86 -10.81 17.81
CA HIS A 393 7.16 -10.41 16.43
C HIS A 393 6.90 -8.93 16.12
N ILE A 394 5.99 -8.34 16.87
CA ILE A 394 5.62 -6.94 16.71
C ILE A 394 6.65 -6.03 17.37
N THR A 395 7.63 -6.61 18.05
CA THR A 395 8.61 -5.79 18.74
C THR A 395 9.97 -5.70 18.05
N VAL A 396 10.10 -6.37 16.91
CA VAL A 396 11.37 -6.36 16.14
C VAL A 396 11.27 -5.28 15.05
N PRO A 397 12.12 -4.26 15.11
CA PRO A 397 12.14 -3.17 14.13
C PRO A 397 12.29 -3.68 12.71
N THR A 398 13.09 -4.71 12.56
CA THR A 398 13.34 -5.31 11.25
C THR A 398 12.18 -6.15 10.72
N LEU A 399 11.09 -6.23 11.48
CA LEU A 399 9.93 -6.98 11.02
C LEU A 399 8.74 -6.03 10.96
N PRO A 400 8.28 -5.71 9.73
CA PRO A 400 7.15 -4.80 9.57
C PRO A 400 5.90 -5.38 10.23
N PHE A 401 5.08 -4.51 10.81
CA PHE A 401 3.86 -4.92 11.50
C PHE A 401 2.60 -4.48 10.77
N GLY A 402 1.76 -5.44 10.43
CA GLY A 402 0.51 -5.12 9.72
C GLY A 402 -0.37 -6.34 9.51
N GLY A 403 -1.63 -6.11 9.14
CA GLY A 403 -2.56 -7.21 8.94
C GLY A 403 -2.84 -7.60 7.50
N VAL A 404 -3.91 -8.37 7.30
CA VAL A 404 -4.36 -8.82 5.98
C VAL A 404 -5.87 -8.91 6.13
N GLY A 405 -6.58 -8.82 5.01
CA GLY A 405 -8.04 -8.91 5.05
C GLY A 405 -8.62 -8.06 6.17
N ASN A 406 -9.39 -8.69 7.05
CA ASN A 406 -10.01 -7.99 8.16
C ASN A 406 -9.07 -7.47 9.25
N SER A 407 -7.83 -7.97 9.29
CA SER A 407 -6.88 -7.48 10.28
C SER A 407 -6.37 -6.13 9.81
N GLY A 408 -6.73 -5.75 8.58
CA GLY A 408 -6.30 -4.46 8.06
C GLY A 408 -5.42 -4.55 6.85
N MET A 409 -4.77 -3.44 6.50
CA MET A 409 -3.89 -3.36 5.34
C MET A 409 -2.77 -2.38 5.63
N GLY A 410 -1.56 -2.67 5.15
CA GLY A 410 -0.43 -1.79 5.39
C GLY A 410 0.45 -2.30 6.52
N ALA A 411 1.62 -1.70 6.71
CA ALA A 411 2.54 -2.14 7.76
C ALA A 411 3.30 -0.94 8.25
N TYR A 412 4.06 -1.07 9.35
CA TYR A 412 4.75 0.11 9.81
C TYR A 412 5.89 0.17 10.82
N HIS A 413 6.52 -0.94 11.19
CA HIS A 413 7.62 -0.72 12.14
C HIS A 413 9.00 -0.50 11.49
N GLY A 414 9.71 0.50 12.00
CA GLY A 414 11.04 0.81 11.50
C GLY A 414 11.08 1.44 10.11
N LYS A 415 11.95 0.94 9.24
CA LYS A 415 12.07 1.46 7.89
C LYS A 415 10.75 1.35 7.13
N LYS A 416 9.98 0.31 7.43
CA LYS A 416 8.70 0.12 6.77
C LYS A 416 7.79 1.28 7.08
N SER A 417 8.07 1.95 8.19
CA SER A 417 7.28 3.10 8.60
C SER A 417 7.63 4.30 7.70
N PHE A 418 8.92 4.55 7.55
CA PHE A 418 9.45 5.62 6.74
C PHE A 418 8.95 5.52 5.30
N GLU A 419 8.92 4.29 4.77
CA GLU A 419 8.48 4.06 3.40
C GLU A 419 7.00 4.38 3.26
N THR A 420 6.21 3.85 4.16
CA THR A 420 4.77 4.04 4.18
C THR A 420 4.33 5.51 4.29
N PHE A 421 5.03 6.29 5.10
CA PHE A 421 4.68 7.69 5.26
C PHE A 421 5.35 8.62 4.25
N SER A 422 5.85 8.04 3.17
CA SER A 422 6.51 8.83 2.16
C SER A 422 6.19 8.26 0.80
N HIS A 423 6.49 9.01 -0.25
CA HIS A 423 6.28 8.51 -1.61
C HIS A 423 7.62 8.05 -2.15
N ARG A 424 7.61 6.90 -2.83
CA ARG A 424 8.83 6.34 -3.43
C ARG A 424 8.75 6.56 -4.94
N ARG A 425 9.32 7.67 -5.39
CA ARG A 425 9.34 8.11 -6.78
C ARG A 425 10.41 7.48 -7.64
N SER A 426 9.99 6.77 -8.69
CA SER A 426 10.90 6.12 -9.64
C SER A 426 11.44 7.17 -10.64
N CYS A 427 12.76 7.33 -10.69
CA CYS A 427 13.38 8.29 -11.58
C CYS A 427 14.35 7.57 -12.51
N LEU A 428 14.29 7.95 -13.78
CA LEU A 428 15.17 7.40 -14.80
C LEU A 428 15.79 8.66 -15.37
N VAL A 429 17.05 8.90 -15.06
CA VAL A 429 17.71 10.09 -15.55
C VAL A 429 18.61 9.74 -16.73
N LYS A 430 18.48 10.52 -17.81
CA LYS A 430 19.29 10.34 -18.99
C LYS A 430 19.81 11.73 -19.29
N SER A 431 20.50 12.32 -18.32
CA SER A 431 21.06 13.66 -18.53
C SER A 431 21.87 13.65 -19.81
N LEU A 432 22.20 12.46 -20.28
CA LEU A 432 22.93 12.25 -21.52
C LEU A 432 21.93 12.55 -22.64
N LEU A 433 21.91 13.81 -23.09
CA LEU A 433 21.04 14.20 -24.19
C LEU A 433 21.72 13.82 -25.50
N ASN A 434 22.87 13.15 -25.38
CA ASN A 434 23.65 12.71 -26.53
C ASN A 434 23.50 11.21 -26.76
N GLU A 435 24.33 10.67 -27.65
CA GLU A 435 24.31 9.25 -27.98
C GLU A 435 22.89 8.76 -28.27
N GLU A 436 22.21 9.45 -29.19
CA GLU A 436 20.84 9.08 -29.53
C GLU A 436 20.68 7.87 -30.45
N ALA A 437 20.87 6.68 -29.89
CA ALA A 437 20.70 5.43 -30.62
C ALA A 437 19.28 4.96 -30.33
N HIS A 438 18.33 5.88 -30.47
CA HIS A 438 16.93 5.58 -30.25
C HIS A 438 16.22 5.42 -31.58
N LYS A 439 16.95 5.61 -32.67
CA LYS A 439 16.41 5.53 -34.03
C LYS A 439 15.27 4.56 -34.22
N ALA A 440 15.48 3.32 -33.79
CA ALA A 440 14.48 2.27 -33.93
C ALA A 440 13.13 2.47 -33.23
N ARG A 441 13.01 3.48 -32.38
CA ARG A 441 11.75 3.69 -31.67
C ARG A 441 10.81 4.68 -32.34
N TYR A 442 11.39 5.62 -33.10
CA TYR A 442 10.59 6.64 -33.78
C TYR A 442 10.05 6.16 -35.13
N PRO A 443 8.84 6.62 -35.51
CA PRO A 443 8.31 6.20 -36.81
C PRO A 443 9.12 6.99 -37.86
N PRO A 444 8.96 6.67 -39.16
CA PRO A 444 8.07 5.67 -39.76
C PRO A 444 8.44 4.22 -39.50
N SER A 445 7.42 3.37 -39.43
CA SER A 445 7.58 1.95 -39.21
C SER A 445 8.27 1.33 -40.42
N PRO A 446 9.16 0.35 -40.19
CA PRO A 446 9.87 -0.32 -41.29
C PRO A 446 8.84 -0.88 -42.26
N ALA A 447 9.10 -0.70 -43.55
CA ALA A 447 8.20 -1.18 -44.59
C ALA A 447 8.19 -2.71 -44.62
N SER B 2 -25.48 -13.91 -11.29
CA SER B 2 -24.68 -14.30 -12.48
C SER B 2 -23.23 -13.88 -12.25
N ILE B 3 -22.99 -12.58 -12.07
CA ILE B 3 -21.65 -12.08 -11.81
C ILE B 3 -21.20 -12.67 -10.47
N SER B 4 -22.18 -12.88 -9.60
CA SER B 4 -21.96 -13.46 -8.29
C SER B 4 -21.40 -14.87 -8.43
N ASP B 5 -21.98 -15.65 -9.35
CA ASP B 5 -21.56 -17.03 -9.58
C ASP B 5 -20.14 -17.12 -10.15
N THR B 6 -19.80 -16.17 -11.01
CA THR B 6 -18.50 -16.15 -11.62
C THR B 6 -17.47 -15.87 -10.55
N VAL B 7 -17.78 -14.93 -9.65
CA VAL B 7 -16.86 -14.62 -8.56
C VAL B 7 -16.75 -15.85 -7.64
N LYS B 8 -17.85 -16.57 -7.43
CA LYS B 8 -17.85 -17.76 -6.59
C LYS B 8 -16.93 -18.84 -7.16
N ARG B 9 -17.03 -19.05 -8.47
CA ARG B 9 -16.23 -20.04 -9.18
C ARG B 9 -14.74 -19.85 -8.91
N ALA B 10 -14.29 -18.59 -8.99
CA ALA B 10 -12.90 -18.24 -8.77
C ALA B 10 -12.46 -18.39 -7.33
N ARG B 11 -13.30 -17.93 -6.40
CA ARG B 11 -12.99 -18.00 -4.98
C ARG B 11 -12.88 -19.44 -4.51
N GLU B 12 -13.83 -20.27 -4.91
CA GLU B 12 -13.79 -21.68 -4.55
C GLU B 12 -12.56 -22.32 -5.18
N ALA B 13 -12.31 -22.00 -6.45
CA ALA B 13 -11.17 -22.53 -7.17
C ALA B 13 -9.89 -22.14 -6.47
N PHE B 14 -9.83 -20.89 -6.01
CA PHE B 14 -8.66 -20.42 -5.29
C PHE B 14 -8.49 -21.21 -3.99
N ASN B 15 -9.62 -21.57 -3.37
CA ASN B 15 -9.60 -22.35 -2.12
C ASN B 15 -9.09 -23.76 -2.32
N SER B 16 -9.17 -24.28 -3.54
CA SER B 16 -8.69 -25.63 -3.82
C SER B 16 -7.20 -25.68 -3.53
N GLY B 17 -6.54 -24.51 -3.56
CA GLY B 17 -5.12 -24.43 -3.27
C GLY B 17 -4.20 -24.75 -4.43
N LYS B 18 -4.74 -25.02 -5.61
CA LYS B 18 -3.92 -25.34 -6.77
C LYS B 18 -2.85 -24.28 -7.16
N THR B 19 -3.13 -22.99 -6.95
CA THR B 19 -2.16 -21.95 -7.30
C THR B 19 -0.89 -22.04 -6.46
N ARG B 20 -1.00 -22.66 -5.29
CA ARG B 20 0.14 -22.79 -4.40
C ARG B 20 1.36 -23.38 -5.12
N SER B 21 1.14 -24.37 -5.98
CA SER B 21 2.23 -24.99 -6.73
C SER B 21 2.89 -23.94 -7.63
N LEU B 22 4.17 -23.67 -7.39
CA LEU B 22 4.93 -22.69 -8.15
C LEU B 22 5.02 -23.17 -9.60
N GLN B 23 4.91 -24.48 -9.76
CA GLN B 23 4.96 -25.12 -11.06
C GLN B 23 3.69 -24.79 -11.83
N PHE B 24 2.56 -24.78 -11.13
CA PHE B 24 1.28 -24.45 -11.76
C PHE B 24 1.36 -23.04 -12.32
N ARG B 25 1.74 -22.09 -11.46
CA ARG B 25 1.87 -20.69 -11.83
C ARG B 25 2.69 -20.47 -13.11
N ILE B 26 3.87 -21.09 -13.20
CA ILE B 26 4.73 -20.95 -14.36
C ILE B 26 4.05 -21.47 -15.63
N GLN B 27 3.26 -22.52 -15.50
CA GLN B 27 2.56 -23.10 -16.64
C GLN B 27 1.46 -22.15 -17.10
N GLN B 28 0.85 -21.47 -16.15
CA GLN B 28 -0.19 -20.50 -16.45
C GLN B 28 0.45 -19.23 -16.99
N LEU B 29 1.70 -18.98 -16.60
CA LEU B 29 2.43 -17.81 -17.08
C LEU B 29 2.86 -18.05 -18.53
N GLU B 30 3.36 -19.26 -18.80
CA GLU B 30 3.79 -19.63 -20.13
C GLU B 30 2.57 -19.75 -21.06
N ALA B 31 1.44 -20.21 -20.53
CA ALA B 31 0.23 -20.36 -21.30
C ALA B 31 -0.17 -19.01 -21.88
N LEU B 32 -0.16 -18.01 -21.00
CA LEU B 32 -0.49 -16.64 -21.33
C LEU B 32 0.47 -16.20 -22.44
N GLN B 33 1.75 -16.53 -22.26
CA GLN B 33 2.78 -16.19 -23.22
C GLN B 33 2.51 -16.76 -24.61
N ARG B 34 2.09 -18.03 -24.70
CA ARG B 34 1.80 -18.61 -25.99
C ARG B 34 0.51 -18.07 -26.60
N MET B 35 -0.34 -17.48 -25.76
CA MET B 35 -1.59 -16.87 -26.22
C MET B 35 -1.21 -15.62 -27.01
N ILE B 36 -0.30 -14.83 -26.44
CA ILE B 36 0.19 -13.62 -27.09
C ILE B 36 0.95 -14.00 -28.37
N ASN B 37 1.89 -14.92 -28.22
CA ASN B 37 2.71 -15.37 -29.34
C ASN B 37 1.95 -16.03 -30.49
N GLU B 38 0.86 -16.71 -30.20
CA GLU B 38 0.09 -17.37 -31.25
C GLU B 38 -1.01 -16.52 -31.85
N ASN B 39 -1.35 -15.42 -31.19
CA ASN B 39 -2.43 -14.56 -31.67
C ASN B 39 -2.09 -13.07 -31.88
N LEU B 40 -0.86 -12.80 -32.32
CA LEU B 40 -0.41 -11.41 -32.57
C LEU B 40 -1.25 -10.73 -33.65
N LYS B 41 -1.52 -11.44 -34.73
CA LYS B 41 -2.29 -10.86 -35.81
C LYS B 41 -3.63 -10.34 -35.29
N SER B 42 -4.34 -11.19 -34.56
CA SER B 42 -5.63 -10.84 -34.01
C SER B 42 -5.53 -9.72 -32.97
N ILE B 43 -4.52 -9.77 -32.12
CA ILE B 43 -4.37 -8.71 -31.13
C ILE B 43 -4.23 -7.37 -31.89
N SER B 44 -3.35 -7.35 -32.89
CA SER B 44 -3.13 -6.17 -33.70
C SER B 44 -4.41 -5.75 -34.40
N GLY B 45 -5.14 -6.73 -34.92
CA GLY B 45 -6.39 -6.44 -35.61
C GLY B 45 -7.30 -5.65 -34.70
N ALA B 46 -7.55 -6.21 -33.51
CA ALA B 46 -8.41 -5.61 -32.51
C ALA B 46 -7.96 -4.20 -32.14
N LEU B 47 -6.65 -3.99 -32.11
CA LEU B 47 -6.11 -2.68 -31.79
C LEU B 47 -6.38 -1.72 -32.95
N ALA B 48 -6.29 -2.23 -34.17
CA ALA B 48 -6.54 -1.43 -35.36
C ALA B 48 -7.97 -0.91 -35.38
N SER B 49 -8.91 -1.78 -35.07
CA SER B 49 -10.32 -1.42 -35.06
C SER B 49 -10.75 -0.50 -33.93
N ASP B 50 -10.01 -0.50 -32.84
CA ASP B 50 -10.33 0.35 -31.70
C ASP B 50 -9.59 1.68 -31.70
N LEU B 51 -8.31 1.64 -32.05
CA LEU B 51 -7.49 2.86 -32.05
C LEU B 51 -6.71 3.09 -33.36
N GLY B 52 -7.03 2.33 -34.39
CA GLY B 52 -6.35 2.51 -35.66
C GLY B 52 -4.85 2.28 -35.58
N LYS B 53 -4.42 1.25 -34.85
CA LYS B 53 -2.99 0.93 -34.73
C LYS B 53 -2.56 -0.05 -35.83
N ASN B 54 -1.28 0.01 -36.22
CA ASN B 54 -0.76 -0.90 -37.22
C ASN B 54 0.12 -1.89 -36.47
N GLU B 55 0.43 -3.03 -37.08
CA GLU B 55 1.24 -4.07 -36.44
C GLU B 55 2.48 -3.54 -35.71
N TRP B 56 3.13 -2.53 -36.28
CA TRP B 56 4.33 -1.97 -35.65
C TRP B 56 4.05 -1.20 -34.37
N THR B 57 3.01 -0.37 -34.35
CA THR B 57 2.70 0.41 -33.14
C THR B 57 2.00 -0.48 -32.11
N SER B 58 1.32 -1.51 -32.58
CA SER B 58 0.66 -2.43 -31.66
C SER B 58 1.72 -3.18 -30.85
N TYR B 59 2.64 -3.82 -31.56
CA TYR B 59 3.70 -4.57 -30.90
C TYR B 59 4.60 -3.67 -30.02
N TYR B 60 5.40 -2.82 -30.63
CA TYR B 60 6.31 -1.96 -29.86
C TYR B 60 5.75 -1.01 -28.81
N GLU B 61 4.48 -0.64 -28.92
CA GLU B 61 3.88 0.25 -27.93
C GLU B 61 3.13 -0.53 -26.86
N GLU B 62 2.56 -1.67 -27.24
CA GLU B 62 1.80 -2.47 -26.31
C GLU B 62 2.31 -3.88 -26.09
N VAL B 63 1.87 -4.80 -26.94
CA VAL B 63 2.24 -6.19 -26.82
C VAL B 63 3.68 -6.53 -26.38
N ALA B 64 4.67 -5.79 -26.88
CA ALA B 64 6.08 -6.05 -26.53
C ALA B 64 6.43 -5.78 -25.08
N HIS B 65 5.64 -4.97 -24.40
CA HIS B 65 5.95 -4.68 -23.01
C HIS B 65 5.47 -5.79 -22.09
N VAL B 66 4.32 -6.35 -22.41
CA VAL B 66 3.78 -7.45 -21.65
C VAL B 66 4.73 -8.65 -21.78
N LEU B 67 5.22 -8.88 -22.99
CA LEU B 67 6.13 -10.01 -23.25
C LEU B 67 7.44 -9.93 -22.49
N GLU B 68 7.88 -8.70 -22.18
CA GLU B 68 9.12 -8.50 -21.45
C GLU B 68 8.85 -8.80 -19.98
N GLU B 69 7.67 -8.38 -19.51
CA GLU B 69 7.24 -8.61 -18.12
C GLU B 69 7.15 -10.10 -17.86
N LEU B 70 6.43 -10.80 -18.73
CA LEU B 70 6.27 -12.24 -18.63
C LEU B 70 7.63 -12.93 -18.57
N ASP B 71 8.53 -12.51 -19.44
CA ASP B 71 9.85 -13.10 -19.49
C ASP B 71 10.62 -12.87 -18.20
N THR B 72 10.43 -11.71 -17.58
CA THR B 72 11.12 -11.40 -16.35
C THR B 72 10.55 -12.21 -15.18
N THR B 73 9.23 -12.17 -15.00
CA THR B 73 8.60 -12.91 -13.90
C THR B 73 8.78 -14.43 -13.98
N ILE B 74 8.64 -15.02 -15.17
CA ILE B 74 8.80 -16.47 -15.33
C ILE B 74 10.20 -16.87 -14.86
N LYS B 75 11.19 -16.07 -15.21
CA LYS B 75 12.58 -16.36 -14.83
C LYS B 75 12.90 -16.06 -13.36
N GLU B 76 12.34 -14.98 -12.85
CA GLU B 76 12.61 -14.61 -11.47
C GLU B 76 11.59 -15.02 -10.43
N LEU B 77 10.51 -15.66 -10.85
CA LEU B 77 9.49 -16.07 -9.91
C LEU B 77 10.01 -16.91 -8.75
N PRO B 78 10.72 -18.02 -9.03
CA PRO B 78 11.26 -18.86 -7.95
C PRO B 78 11.95 -18.11 -6.82
N ASP B 79 12.83 -17.18 -7.20
CA ASP B 79 13.57 -16.39 -6.22
C ASP B 79 12.66 -15.43 -5.50
N TRP B 80 11.67 -14.89 -6.20
CA TRP B 80 10.72 -13.95 -5.60
C TRP B 80 9.86 -14.66 -4.56
N ALA B 81 9.55 -15.93 -4.83
CA ALA B 81 8.70 -16.72 -3.94
C ALA B 81 9.38 -17.16 -2.65
N GLU B 82 10.70 -17.30 -2.66
CA GLU B 82 11.43 -17.73 -1.47
C GLU B 82 11.21 -16.80 -0.29
N ASP B 83 11.25 -17.37 0.91
CA ASP B 83 11.11 -16.60 2.15
C ASP B 83 12.26 -15.61 2.14
N GLU B 84 12.04 -14.40 2.65
CA GLU B 84 13.09 -13.41 2.66
C GLU B 84 13.70 -13.21 4.04
N PRO B 85 14.98 -13.57 4.21
CA PRO B 85 15.62 -13.39 5.51
C PRO B 85 15.67 -11.93 5.90
N VAL B 86 15.52 -11.67 7.18
CA VAL B 86 15.55 -10.31 7.71
C VAL B 86 16.69 -10.15 8.71
N ALA B 87 17.24 -8.94 8.80
CA ALA B 87 18.33 -8.65 9.72
C ALA B 87 17.90 -8.87 11.17
N LYS B 88 18.71 -9.62 11.92
CA LYS B 88 18.44 -9.93 13.33
C LYS B 88 18.86 -8.82 14.26
N THR B 89 18.25 -8.78 15.44
CA THR B 89 18.59 -7.78 16.45
C THR B 89 19.36 -8.53 17.53
N ARG B 90 19.90 -7.80 18.49
CA ARG B 90 20.64 -8.43 19.59
C ARG B 90 19.75 -9.44 20.29
N GLN B 91 18.52 -9.04 20.58
CA GLN B 91 17.57 -9.90 21.26
C GLN B 91 17.07 -11.12 20.46
N THR B 92 17.29 -11.14 19.14
CA THR B 92 16.81 -12.26 18.33
C THR B 92 17.89 -13.08 17.63
N GLN B 93 19.14 -12.84 17.98
CA GLN B 93 20.29 -13.52 17.39
C GLN B 93 20.11 -15.01 17.06
N GLN B 94 19.51 -15.77 17.98
CA GLN B 94 19.33 -17.22 17.78
C GLN B 94 18.09 -17.63 16.99
N ASP B 95 17.11 -16.72 16.90
CA ASP B 95 15.86 -17.02 16.21
C ASP B 95 15.91 -16.86 14.70
N ASP B 96 14.83 -17.27 14.05
CA ASP B 96 14.67 -17.14 12.60
C ASP B 96 13.75 -15.95 12.37
N LEU B 97 14.18 -15.01 11.55
CA LEU B 97 13.34 -13.86 11.25
C LEU B 97 13.30 -13.80 9.72
N TYR B 98 12.10 -13.81 9.15
CA TYR B 98 11.97 -13.73 7.70
C TYR B 98 10.59 -13.26 7.27
N ILE B 99 10.44 -12.97 5.98
CA ILE B 99 9.18 -12.51 5.41
C ILE B 99 8.71 -13.55 4.41
N HIS B 100 7.52 -14.08 4.64
CA HIS B 100 6.88 -15.10 3.82
C HIS B 100 5.80 -14.45 2.96
N SER B 101 5.90 -14.60 1.63
CA SER B 101 4.93 -14.05 0.70
C SER B 101 3.82 -15.07 0.44
N GLU B 102 2.58 -14.60 0.28
CA GLU B 102 1.45 -15.52 0.06
C GLU B 102 0.29 -14.85 -0.70
N PRO B 103 -0.38 -15.59 -1.59
CA PRO B 103 -1.51 -14.99 -2.34
C PRO B 103 -2.60 -14.37 -1.48
N LEU B 104 -3.27 -13.36 -2.04
CA LEU B 104 -4.35 -12.67 -1.34
C LEU B 104 -5.68 -13.37 -1.62
N GLY B 105 -5.82 -13.94 -2.81
CA GLY B 105 -7.05 -14.61 -3.13
C GLY B 105 -7.58 -14.35 -4.52
N VAL B 106 -8.64 -13.55 -4.60
CA VAL B 106 -9.24 -13.18 -5.87
C VAL B 106 -8.94 -11.69 -6.12
N VAL B 107 -8.32 -11.41 -7.26
CA VAL B 107 -7.93 -10.06 -7.64
C VAL B 107 -8.71 -9.61 -8.87
N LEU B 108 -9.33 -8.43 -8.78
CA LEU B 108 -10.09 -7.85 -9.90
C LEU B 108 -9.22 -6.80 -10.55
N VAL B 109 -9.03 -6.95 -11.85
CA VAL B 109 -8.23 -6.05 -12.67
C VAL B 109 -9.20 -5.36 -13.64
N ILE B 110 -9.34 -4.04 -13.49
CA ILE B 110 -10.21 -3.24 -14.34
C ILE B 110 -9.29 -2.43 -15.22
N GLY B 111 -9.38 -2.64 -16.54
CA GLY B 111 -8.52 -1.95 -17.49
C GLY B 111 -9.13 -0.75 -18.20
N ALA B 112 -8.25 0.06 -18.81
CA ALA B 112 -8.63 1.27 -19.54
C ALA B 112 -8.54 1.04 -21.07
N TRP B 113 -9.28 1.84 -21.82
CA TRP B 113 -9.33 1.75 -23.28
C TRP B 113 -8.12 2.17 -24.12
N ASN B 114 -7.34 3.17 -23.68
CA ASN B 114 -6.20 3.66 -24.47
C ASN B 114 -5.15 2.59 -24.80
N TYR B 115 -4.94 1.68 -23.88
CA TYR B 115 -4.02 0.56 -24.09
C TYR B 115 -4.79 -0.61 -23.49
N PRO B 116 -5.82 -1.09 -24.21
CA PRO B 116 -6.69 -2.20 -23.81
C PRO B 116 -6.07 -3.59 -23.56
N PHE B 117 -4.97 -3.91 -24.22
CA PHE B 117 -4.33 -5.20 -24.02
C PHE B 117 -3.35 -5.17 -22.85
N ASN B 118 -2.44 -4.21 -22.91
CA ASN B 118 -1.43 -4.03 -21.88
C ASN B 118 -2.01 -3.71 -20.50
N LEU B 119 -2.93 -2.75 -20.45
CA LEU B 119 -3.55 -2.35 -19.19
C LEU B 119 -4.40 -3.40 -18.50
N THR B 120 -4.56 -4.56 -19.11
CA THR B 120 -5.32 -5.62 -18.47
C THR B 120 -4.36 -6.77 -18.21
N ILE B 121 -3.77 -7.27 -19.28
CA ILE B 121 -2.88 -8.40 -19.21
C ILE B 121 -1.59 -8.18 -18.43
N GLN B 122 -1.05 -6.96 -18.44
CA GLN B 122 0.20 -6.73 -17.70
C GLN B 122 0.05 -6.83 -16.18
N PRO B 123 -0.94 -6.13 -15.59
CA PRO B 123 -1.10 -6.23 -14.13
C PRO B 123 -1.45 -7.68 -13.78
N MET B 124 -2.17 -8.34 -14.69
CA MET B 124 -2.57 -9.72 -14.51
C MET B 124 -1.35 -10.62 -14.37
N VAL B 125 -0.30 -10.35 -15.14
CA VAL B 125 0.91 -11.18 -15.05
C VAL B 125 1.43 -11.26 -13.60
N GLY B 126 1.48 -10.12 -12.92
CA GLY B 126 1.94 -10.10 -11.54
C GLY B 126 0.93 -10.76 -10.62
N ALA B 127 -0.35 -10.73 -11.01
CA ALA B 127 -1.41 -11.34 -10.21
C ALA B 127 -1.36 -12.86 -10.26
N VAL B 128 -1.07 -13.41 -11.44
CA VAL B 128 -0.95 -14.84 -11.66
C VAL B 128 0.34 -15.37 -11.01
N ALA B 129 1.37 -14.55 -11.06
CA ALA B 129 2.66 -14.88 -10.48
C ALA B 129 2.58 -15.01 -8.95
N ALA B 130 1.66 -14.26 -8.35
CA ALA B 130 1.47 -14.23 -6.90
C ALA B 130 0.46 -15.26 -6.40
N GLY B 131 0.10 -16.19 -7.28
CA GLY B 131 -0.81 -17.26 -6.90
C GLY B 131 -2.25 -16.88 -6.63
N ASN B 132 -2.71 -15.79 -7.23
CA ASN B 132 -4.08 -15.38 -7.02
C ASN B 132 -4.94 -15.86 -8.16
N ALA B 133 -6.24 -15.74 -7.97
CA ALA B 133 -7.21 -16.08 -8.97
C ALA B 133 -7.47 -14.67 -9.52
N VAL B 134 -7.60 -14.52 -10.83
CA VAL B 134 -7.82 -13.18 -11.39
C VAL B 134 -9.07 -13.07 -12.24
N ILE B 135 -9.80 -11.97 -12.05
CA ILE B 135 -11.00 -11.70 -12.84
C ILE B 135 -10.77 -10.39 -13.60
N LEU B 136 -10.65 -10.50 -14.92
CA LEU B 136 -10.40 -9.35 -15.78
C LEU B 136 -11.69 -8.65 -16.15
N LYS B 137 -11.69 -7.33 -16.02
CA LYS B 137 -12.84 -6.53 -16.40
C LYS B 137 -12.28 -5.60 -17.47
N PRO B 138 -12.39 -5.97 -18.76
CA PRO B 138 -11.92 -5.22 -19.93
C PRO B 138 -12.73 -3.94 -20.14
N SER B 139 -12.12 -2.93 -20.74
CA SER B 139 -12.83 -1.69 -21.02
C SER B 139 -13.81 -1.94 -22.18
N GLU B 140 -15.06 -1.53 -21.98
CA GLU B 140 -16.06 -1.71 -23.02
C GLU B 140 -15.87 -0.69 -24.13
N VAL B 141 -15.26 0.45 -23.81
CA VAL B 141 -15.02 1.50 -24.79
C VAL B 141 -14.16 0.97 -25.95
N SER B 142 -13.12 0.19 -25.64
CA SER B 142 -12.31 -0.41 -26.72
C SER B 142 -12.97 -1.78 -27.01
N GLY B 143 -14.23 -1.71 -27.43
CA GLY B 143 -15.01 -2.90 -27.71
C GLY B 143 -14.37 -4.11 -28.36
N HIS B 144 -13.50 -3.87 -29.34
CA HIS B 144 -12.85 -4.97 -30.04
C HIS B 144 -11.86 -5.78 -29.22
N MET B 145 -11.11 -5.11 -28.35
CA MET B 145 -10.14 -5.80 -27.51
C MET B 145 -10.85 -6.61 -26.42
N ALA B 146 -12.03 -6.13 -26.03
CA ALA B 146 -12.84 -6.77 -25.00
C ALA B 146 -13.37 -8.13 -25.45
N ASP B 147 -13.84 -8.21 -26.69
CA ASP B 147 -14.36 -9.44 -27.26
C ASP B 147 -13.21 -10.41 -27.54
N LEU B 148 -12.07 -9.86 -27.97
CA LEU B 148 -10.93 -10.70 -28.26
C LEU B 148 -10.46 -11.39 -26.99
N LEU B 149 -10.18 -10.58 -25.97
CA LEU B 149 -9.72 -11.08 -24.68
C LEU B 149 -10.68 -12.10 -24.08
N ALA B 150 -11.98 -11.79 -24.11
CA ALA B 150 -12.98 -12.69 -23.55
C ALA B 150 -13.01 -14.07 -24.22
N THR B 151 -12.47 -14.18 -25.43
CA THR B 151 -12.46 -15.46 -26.13
C THR B 151 -11.09 -16.15 -26.05
N LEU B 152 -10.02 -15.37 -26.06
CA LEU B 152 -8.69 -15.94 -26.00
C LEU B 152 -8.31 -16.56 -24.64
N ILE B 153 -8.59 -15.85 -23.54
CA ILE B 153 -8.26 -16.33 -22.20
C ILE B 153 -8.70 -17.80 -21.98
N PRO B 154 -10.00 -18.11 -22.08
CA PRO B 154 -10.49 -19.49 -21.89
C PRO B 154 -9.74 -20.55 -22.70
N GLN B 155 -9.13 -20.15 -23.80
CA GLN B 155 -8.42 -21.10 -24.64
C GLN B 155 -7.07 -21.48 -24.06
N TYR B 156 -6.44 -20.56 -23.32
CA TYR B 156 -5.12 -20.83 -22.77
C TYR B 156 -5.00 -20.96 -21.25
N MET B 157 -5.70 -20.11 -20.50
CA MET B 157 -5.62 -20.15 -19.06
C MET B 157 -6.57 -21.18 -18.41
N ASP B 158 -6.47 -21.31 -17.09
CA ASP B 158 -7.33 -22.22 -16.33
C ASP B 158 -8.70 -21.57 -16.31
N GLN B 159 -9.71 -22.34 -16.71
CA GLN B 159 -11.07 -21.85 -16.77
C GLN B 159 -11.83 -21.72 -15.47
N ASN B 160 -11.11 -21.80 -14.36
CA ASN B 160 -11.75 -21.66 -13.06
C ASN B 160 -11.08 -20.52 -12.36
N LEU B 161 -9.76 -20.47 -12.53
CA LEU B 161 -8.94 -19.46 -11.89
C LEU B 161 -8.92 -18.08 -12.52
N TYR B 162 -8.85 -18.04 -13.85
CA TYR B 162 -8.75 -16.77 -14.53
C TYR B 162 -9.96 -16.56 -15.44
N LEU B 163 -10.84 -15.66 -15.01
CA LEU B 163 -12.09 -15.39 -15.70
C LEU B 163 -12.27 -13.94 -16.15
N VAL B 164 -12.84 -13.75 -17.34
CA VAL B 164 -13.09 -12.43 -17.91
C VAL B 164 -14.57 -12.02 -17.78
N VAL B 165 -14.81 -10.78 -17.40
CA VAL B 165 -16.18 -10.28 -17.26
C VAL B 165 -16.33 -9.02 -18.11
N LYS B 166 -17.18 -9.13 -19.14
CA LYS B 166 -17.43 -8.01 -20.04
C LYS B 166 -18.61 -7.17 -19.55
N GLY B 167 -18.50 -5.85 -19.70
CA GLY B 167 -19.59 -5.00 -19.27
C GLY B 167 -19.29 -3.52 -19.17
N GLY B 168 -20.36 -2.75 -19.16
CA GLY B 168 -20.24 -1.31 -19.02
C GLY B 168 -20.46 -0.96 -17.56
N VAL B 169 -21.02 0.22 -17.32
CA VAL B 169 -21.29 0.69 -15.97
C VAL B 169 -22.13 -0.23 -15.06
N PRO B 170 -23.36 -0.59 -15.47
CA PRO B 170 -24.22 -1.46 -14.64
C PRO B 170 -23.57 -2.79 -14.23
N GLU B 171 -22.81 -3.40 -15.14
CA GLU B 171 -22.15 -4.68 -14.85
C GLU B 171 -21.00 -4.51 -13.87
N THR B 172 -20.26 -3.41 -14.00
CA THR B 172 -19.13 -3.13 -13.12
C THR B 172 -19.64 -2.74 -11.73
N THR B 173 -20.75 -2.02 -11.70
CA THR B 173 -21.35 -1.60 -10.45
C THR B 173 -21.68 -2.86 -9.65
N GLU B 174 -22.45 -3.75 -10.28
CA GLU B 174 -22.85 -5.02 -9.70
C GLU B 174 -21.61 -5.85 -9.31
N LEU B 175 -20.59 -5.81 -10.18
CA LEU B 175 -19.35 -6.54 -9.99
C LEU B 175 -18.55 -5.98 -8.81
N LEU B 176 -18.75 -4.71 -8.50
CA LEU B 176 -18.03 -4.07 -7.40
C LEU B 176 -18.66 -4.31 -6.04
N LYS B 177 -19.78 -5.04 -6.01
CA LYS B 177 -20.46 -5.38 -4.76
C LYS B 177 -19.89 -6.68 -4.21
N GLU B 178 -19.22 -7.43 -5.09
CA GLU B 178 -18.61 -8.71 -4.73
C GLU B 178 -17.40 -8.48 -3.86
N ARG B 179 -16.94 -9.54 -3.20
CA ARG B 179 -15.78 -9.42 -2.34
C ARG B 179 -14.53 -9.95 -3.04
N PHE B 180 -13.52 -9.08 -3.14
CA PHE B 180 -12.23 -9.43 -3.76
C PHE B 180 -11.15 -9.11 -2.72
N ASP B 181 -9.96 -9.69 -2.89
CA ASP B 181 -8.88 -9.46 -1.95
C ASP B 181 -7.94 -8.35 -2.39
N HIS B 182 -8.21 -7.80 -3.56
CA HIS B 182 -7.44 -6.69 -4.10
C HIS B 182 -8.07 -6.24 -5.37
N ILE B 183 -8.10 -4.93 -5.60
CA ILE B 183 -8.68 -4.38 -6.81
C ILE B 183 -7.67 -3.47 -7.52
N MET B 184 -7.24 -3.91 -8.70
CA MET B 184 -6.32 -3.14 -9.54
C MET B 184 -7.20 -2.34 -10.51
N TYR B 185 -6.98 -1.03 -10.54
CA TYR B 185 -7.77 -0.18 -11.42
C TYR B 185 -6.95 0.89 -12.12
N THR B 186 -7.20 1.03 -13.41
CA THR B 186 -6.50 2.00 -14.25
C THR B 186 -7.57 2.81 -14.97
N GLY B 187 -7.67 4.08 -14.64
CA GLY B 187 -8.68 4.90 -15.27
C GLY B 187 -8.65 6.34 -14.79
N SER B 188 -9.82 6.94 -14.71
CA SER B 188 -9.96 8.35 -14.30
C SER B 188 -10.01 8.55 -12.78
N THR B 189 -9.69 9.76 -12.35
CA THR B 189 -9.71 10.11 -10.94
C THR B 189 -11.10 9.96 -10.32
N ALA B 190 -12.10 10.42 -11.05
CA ALA B 190 -13.49 10.36 -10.59
C ALA B 190 -13.97 8.93 -10.40
N VAL B 191 -13.59 8.05 -11.32
CA VAL B 191 -14.03 6.66 -11.21
C VAL B 191 -13.17 5.94 -10.18
N GLY B 192 -11.96 6.45 -9.96
CA GLY B 192 -11.08 5.85 -8.98
C GLY B 192 -11.70 6.00 -7.61
N LYS B 193 -12.29 7.17 -7.35
CA LYS B 193 -12.95 7.48 -6.08
C LYS B 193 -14.11 6.54 -5.80
N ILE B 194 -14.75 6.06 -6.87
CA ILE B 194 -15.90 5.15 -6.78
C ILE B 194 -15.42 3.73 -6.48
N VAL B 195 -14.38 3.31 -7.19
CA VAL B 195 -13.81 1.99 -6.98
C VAL B 195 -13.35 1.88 -5.52
N MET B 196 -12.64 2.89 -5.02
CA MET B 196 -12.19 2.85 -3.64
C MET B 196 -13.34 2.87 -2.65
N ALA B 197 -14.41 3.60 -2.96
CA ALA B 197 -15.58 3.65 -2.08
C ALA B 197 -16.20 2.25 -1.95
N ALA B 198 -16.25 1.53 -3.07
CA ALA B 198 -16.77 0.17 -3.13
C ALA B 198 -15.83 -0.71 -2.32
N ALA B 199 -14.54 -0.45 -2.47
CA ALA B 199 -13.53 -1.19 -1.76
C ALA B 199 -13.73 -1.09 -0.25
N ALA B 200 -14.02 0.13 0.21
CA ALA B 200 -14.23 0.41 1.62
C ALA B 200 -15.15 -0.60 2.32
N LYS B 201 -16.23 -0.96 1.64
CA LYS B 201 -17.20 -1.92 2.18
C LYS B 201 -16.61 -3.25 2.64
N HIS B 202 -15.61 -3.76 1.94
CA HIS B 202 -15.01 -5.04 2.32
C HIS B 202 -13.61 -4.91 2.86
N LEU B 203 -13.16 -3.70 3.08
CA LEU B 203 -11.79 -3.48 3.58
C LEU B 203 -10.73 -3.98 2.60
N THR B 204 -11.07 -4.02 1.32
CA THR B 204 -10.12 -4.52 0.33
C THR B 204 -9.13 -3.47 -0.17
N PRO B 205 -7.84 -3.84 -0.25
CA PRO B 205 -6.78 -2.94 -0.72
C PRO B 205 -6.92 -2.70 -2.23
N VAL B 206 -6.55 -1.50 -2.68
CA VAL B 206 -6.67 -1.14 -4.09
C VAL B 206 -5.41 -0.53 -4.71
N THR B 207 -5.15 -0.84 -5.97
CA THR B 207 -4.02 -0.23 -6.67
C THR B 207 -4.69 0.69 -7.67
N LEU B 208 -4.47 1.98 -7.52
CA LEU B 208 -5.07 2.97 -8.41
C LEU B 208 -4.06 3.76 -9.26
N GLU B 209 -4.19 3.60 -10.57
CA GLU B 209 -3.38 4.31 -11.54
C GLU B 209 -4.40 5.20 -12.24
N LEU B 210 -4.44 6.44 -11.80
CA LEU B 210 -5.35 7.43 -12.37
C LEU B 210 -4.48 8.40 -13.19
N GLY B 211 -5.01 9.53 -13.63
CA GLY B 211 -4.18 10.41 -14.44
C GLY B 211 -3.92 11.78 -13.86
N GLY B 212 -3.64 12.74 -14.74
CA GLY B 212 -3.38 14.10 -14.33
C GLY B 212 -2.75 14.83 -15.50
N LYS B 213 -2.08 15.94 -15.26
CA LYS B 213 -1.45 16.67 -16.35
C LYS B 213 0.06 16.66 -16.14
N SER B 214 0.73 15.69 -16.77
CA SER B 214 2.17 15.53 -16.70
C SER B 214 2.95 16.70 -17.30
N PRO B 215 3.56 17.54 -16.46
CA PRO B 215 4.33 18.68 -16.96
C PRO B 215 5.61 18.28 -17.69
N CYS B 216 6.12 19.19 -18.52
CA CYS B 216 7.34 18.96 -19.27
C CYS B 216 8.06 20.29 -19.32
N TYR B 217 9.10 20.42 -18.51
CA TYR B 217 9.84 21.65 -18.47
C TYR B 217 11.07 21.54 -19.35
N VAL B 218 11.24 22.52 -20.24
CA VAL B 218 12.38 22.54 -21.13
C VAL B 218 13.29 23.70 -20.70
N ASP B 219 14.52 23.37 -20.34
CA ASP B 219 15.49 24.37 -19.89
C ASP B 219 16.22 25.00 -21.08
N LYS B 220 16.67 26.24 -20.89
CA LYS B 220 17.41 26.98 -21.92
C LYS B 220 18.65 26.20 -22.31
N ASP B 221 19.54 25.98 -21.35
CA ASP B 221 20.76 25.22 -21.60
C ASP B 221 20.27 23.81 -21.86
N CYS B 222 19.95 23.53 -23.12
CA CYS B 222 19.43 22.25 -23.52
C CYS B 222 19.50 22.09 -25.05
N ASP B 223 19.89 20.91 -25.52
CA ASP B 223 19.95 20.64 -26.96
C ASP B 223 18.52 20.49 -27.43
N LEU B 224 17.92 21.62 -27.82
CA LEU B 224 16.53 21.65 -28.28
C LEU B 224 16.18 20.70 -29.39
N ASP B 225 17.18 20.31 -30.18
CA ASP B 225 16.92 19.40 -31.28
C ASP B 225 16.56 18.02 -30.74
N VAL B 226 17.46 17.42 -29.99
CA VAL B 226 17.22 16.10 -29.43
C VAL B 226 15.98 16.11 -28.54
N ALA B 227 15.90 17.12 -27.68
CA ALA B 227 14.77 17.29 -26.75
C ALA B 227 13.43 17.17 -27.46
N CYS B 228 13.15 18.13 -28.32
CA CYS B 228 11.91 18.17 -29.07
C CYS B 228 11.67 16.90 -29.88
N ARG B 229 12.73 16.25 -30.32
CA ARG B 229 12.59 15.01 -31.08
C ARG B 229 11.97 13.95 -30.17
N ARG B 230 12.46 13.92 -28.93
CA ARG B 230 11.99 12.98 -27.92
C ARG B 230 10.59 13.30 -27.43
N ILE B 231 10.33 14.59 -27.24
CA ILE B 231 9.03 15.05 -26.76
C ILE B 231 7.92 14.80 -27.78
N ALA B 232 8.22 15.04 -29.05
CA ALA B 232 7.23 14.84 -30.10
C ALA B 232 6.83 13.37 -30.22
N TRP B 233 7.77 12.49 -29.96
CA TRP B 233 7.53 11.04 -30.03
C TRP B 233 6.56 10.57 -28.95
N GLY B 234 6.82 10.97 -27.71
CA GLY B 234 5.96 10.57 -26.61
C GLY B 234 4.60 11.22 -26.62
N LYS B 235 4.57 12.49 -26.99
CA LYS B 235 3.33 13.24 -27.04
C LYS B 235 2.29 12.78 -28.05
N PHE B 236 2.73 12.35 -29.22
CA PHE B 236 1.79 11.94 -30.27
C PHE B 236 1.67 10.44 -30.47
N MET B 237 2.47 9.70 -29.71
CA MET B 237 2.54 8.25 -29.72
C MET B 237 1.26 7.42 -29.96
N ASN B 238 0.13 7.86 -29.41
CA ASN B 238 -1.11 7.12 -29.57
C ASN B 238 -2.17 8.19 -29.74
N SER B 239 -1.86 9.17 -30.60
CA SER B 239 -2.72 10.30 -30.87
C SER B 239 -2.91 11.01 -29.52
N GLY B 240 -1.79 11.10 -28.78
CA GLY B 240 -1.75 11.74 -27.48
C GLY B 240 -2.48 11.05 -26.34
N GLN B 241 -3.11 9.92 -26.63
CA GLN B 241 -3.88 9.17 -25.64
C GLN B 241 -3.09 8.21 -24.74
N THR B 242 -2.02 8.71 -24.15
CA THR B 242 -1.17 7.92 -23.26
C THR B 242 -1.07 8.53 -21.85
N CYS B 243 -1.42 7.74 -20.85
CA CYS B 243 -1.40 8.14 -19.43
C CYS B 243 -0.19 8.94 -18.94
N VAL B 244 1.01 8.58 -19.42
CA VAL B 244 2.23 9.29 -19.02
C VAL B 244 2.79 10.22 -20.08
N ALA B 245 1.95 10.67 -21.00
CA ALA B 245 2.41 11.57 -22.07
C ALA B 245 2.73 12.98 -21.57
N PRO B 246 3.77 13.61 -22.15
CA PRO B 246 4.09 14.98 -21.72
C PRO B 246 2.86 15.77 -22.12
N ASP B 247 2.09 16.19 -21.13
CA ASP B 247 0.84 16.91 -21.39
C ASP B 247 1.01 18.30 -21.97
N TYR B 248 1.87 19.10 -21.34
CA TYR B 248 2.11 20.45 -21.81
C TYR B 248 3.54 20.78 -21.51
N ILE B 249 4.04 21.80 -22.19
CA ILE B 249 5.41 22.25 -22.01
C ILE B 249 5.44 23.57 -21.26
N LEU B 250 6.44 23.71 -20.41
CA LEU B 250 6.65 24.90 -19.64
C LEU B 250 8.04 25.34 -20.07
N CYS B 251 8.17 26.59 -20.52
CA CYS B 251 9.45 27.11 -20.97
C CYS B 251 9.53 28.62 -20.89
N ASP B 252 10.72 29.14 -21.10
CA ASP B 252 10.98 30.58 -21.11
C ASP B 252 10.60 31.02 -22.52
N PRO B 253 9.85 32.12 -22.65
CA PRO B 253 9.42 32.64 -23.95
C PRO B 253 10.52 32.76 -25.00
N SER B 254 11.75 33.00 -24.55
CA SER B 254 12.89 33.15 -25.46
C SER B 254 13.04 31.98 -26.43
N ILE B 255 12.55 30.81 -26.02
CA ILE B 255 12.66 29.60 -26.85
C ILE B 255 11.28 29.08 -27.28
N GLN B 256 10.25 29.83 -26.90
CA GLN B 256 8.86 29.52 -27.21
C GLN B 256 8.69 29.12 -28.68
N ASN B 257 9.30 29.90 -29.57
CA ASN B 257 9.20 29.70 -31.02
C ASN B 257 10.13 28.61 -31.56
N GLN B 258 11.30 28.50 -30.97
CA GLN B 258 12.28 27.50 -31.40
C GLN B 258 11.73 26.10 -31.19
N ILE B 259 11.14 25.86 -30.02
CA ILE B 259 10.54 24.56 -29.72
C ILE B 259 9.48 24.25 -30.78
N VAL B 260 8.64 25.23 -31.08
CA VAL B 260 7.58 25.09 -32.08
C VAL B 260 8.13 24.57 -33.42
N GLU B 261 9.22 25.19 -33.88
CA GLU B 261 9.86 24.83 -35.14
C GLU B 261 10.44 23.42 -35.11
N LYS B 262 11.19 23.13 -34.04
CA LYS B 262 11.82 21.82 -33.84
C LYS B 262 10.78 20.69 -33.71
N LEU B 263 9.66 20.98 -33.04
CA LEU B 263 8.59 20.00 -32.87
C LEU B 263 7.98 19.64 -34.23
N LYS B 264 7.53 20.65 -34.98
CA LYS B 264 6.92 20.41 -36.29
C LYS B 264 7.88 19.78 -37.28
N LYS B 265 9.17 19.96 -37.04
CA LYS B 265 10.19 19.36 -37.87
C LYS B 265 10.17 17.86 -37.65
N SER B 266 10.23 17.45 -36.38
CA SER B 266 10.20 16.04 -36.05
C SER B 266 8.88 15.42 -36.47
N LEU B 267 7.82 16.23 -36.41
CA LEU B 267 6.51 15.76 -36.81
C LEU B 267 6.58 15.37 -38.27
N LYS B 268 7.33 16.15 -39.06
CA LYS B 268 7.50 15.88 -40.49
C LYS B 268 8.29 14.59 -40.65
N ASP B 269 9.22 14.36 -39.74
CA ASP B 269 10.05 13.16 -39.77
C ASP B 269 9.30 11.86 -39.47
N PHE B 270 8.22 11.97 -38.69
CA PHE B 270 7.45 10.79 -38.30
C PHE B 270 6.23 10.48 -39.16
N TYR B 271 5.45 11.51 -39.46
CA TYR B 271 4.22 11.33 -40.22
C TYR B 271 4.18 11.96 -41.60
N GLY B 272 5.33 12.47 -42.05
CA GLY B 272 5.40 13.10 -43.35
C GLY B 272 4.84 14.51 -43.30
N GLU B 273 4.42 15.04 -44.46
CA GLU B 273 3.88 16.39 -44.52
C GLU B 273 2.48 16.46 -43.92
N ASP B 274 1.65 15.47 -44.27
CA ASP B 274 0.27 15.38 -43.77
C ASP B 274 0.16 14.09 -42.95
N ALA B 275 -0.14 14.24 -41.65
CA ALA B 275 -0.26 13.09 -40.76
C ALA B 275 -1.43 12.21 -41.12
N LYS B 276 -2.48 12.79 -41.71
CA LYS B 276 -3.66 12.00 -42.10
C LYS B 276 -3.27 10.99 -43.17
N GLN B 277 -2.03 11.08 -43.63
CA GLN B 277 -1.47 10.20 -44.64
C GLN B 277 -0.63 9.10 -44.01
N SER B 278 -0.05 9.37 -42.85
CA SER B 278 0.80 8.43 -42.15
C SER B 278 0.01 7.29 -41.50
N ARG B 279 0.40 6.06 -41.83
CA ARG B 279 -0.25 4.87 -41.28
C ARG B 279 0.19 4.67 -39.83
N ASP B 280 1.26 5.34 -39.43
CA ASP B 280 1.79 5.22 -38.08
C ASP B 280 1.15 6.21 -37.13
N TYR B 281 0.13 6.90 -37.59
CA TYR B 281 -0.54 7.86 -36.73
C TYR B 281 -1.90 7.28 -36.34
N GLY B 282 -2.17 7.30 -35.04
CA GLY B 282 -3.40 6.76 -34.50
C GLY B 282 -4.63 7.63 -34.56
N ARG B 283 -5.78 7.01 -34.33
CA ARG B 283 -7.08 7.67 -34.36
C ARG B 283 -7.70 7.74 -32.96
N ILE B 284 -8.48 8.78 -32.69
CA ILE B 284 -9.15 8.96 -31.40
C ILE B 284 -10.14 7.81 -31.19
N ILE B 285 -10.13 7.26 -29.99
CA ILE B 285 -11.00 6.14 -29.63
C ILE B 285 -12.44 6.26 -30.09
N ASN B 286 -13.09 7.38 -29.79
CA ASN B 286 -14.48 7.58 -30.16
C ASN B 286 -14.88 9.04 -30.35
N ASP B 287 -16.15 9.22 -30.69
CA ASP B 287 -16.76 10.51 -30.95
C ASP B 287 -16.73 11.42 -29.74
N ARG B 288 -17.17 10.90 -28.59
CA ARG B 288 -17.19 11.69 -27.35
C ARG B 288 -15.84 12.34 -27.07
N HIS B 289 -14.79 11.53 -27.13
CA HIS B 289 -13.48 12.06 -26.88
C HIS B 289 -13.02 12.95 -28.01
N PHE B 290 -13.41 12.60 -29.25
CA PHE B 290 -13.07 13.38 -30.43
C PHE B 290 -13.52 14.83 -30.24
N GLN B 291 -14.73 15.00 -29.74
CA GLN B 291 -15.28 16.31 -29.51
C GLN B 291 -14.60 17.07 -28.37
N ARG B 292 -14.45 16.45 -27.20
CA ARG B 292 -13.82 17.15 -26.08
C ARG B 292 -12.43 17.63 -26.41
N VAL B 293 -11.65 16.79 -27.07
CA VAL B 293 -10.28 17.17 -27.42
C VAL B 293 -10.31 18.30 -28.44
N LYS B 294 -11.15 18.14 -29.46
CA LYS B 294 -11.28 19.12 -30.53
C LYS B 294 -11.58 20.51 -29.97
N GLY B 295 -12.56 20.58 -29.09
CA GLY B 295 -12.95 21.83 -28.48
C GLY B 295 -11.88 22.56 -27.70
N LEU B 296 -10.83 21.85 -27.27
CA LEU B 296 -9.76 22.46 -26.50
C LEU B 296 -8.91 23.39 -27.35
N ILE B 297 -9.11 23.31 -28.66
CA ILE B 297 -8.38 24.14 -29.61
C ILE B 297 -9.10 25.49 -29.83
N ASP B 298 -10.39 25.55 -29.53
CA ASP B 298 -11.18 26.78 -29.69
C ASP B 298 -10.60 27.95 -28.88
N ASN B 299 -10.76 29.17 -29.40
CA ASN B 299 -10.26 30.39 -28.74
C ASN B 299 -8.79 30.29 -28.39
N GLN B 300 -8.05 29.50 -29.15
CA GLN B 300 -6.64 29.31 -28.87
C GLN B 300 -5.75 29.74 -30.04
N LYS B 301 -4.49 30.02 -29.75
CA LYS B 301 -3.54 30.44 -30.79
C LYS B 301 -2.86 29.22 -31.42
N VAL B 302 -3.47 28.69 -32.47
CA VAL B 302 -2.93 27.51 -33.14
C VAL B 302 -1.69 27.83 -33.98
N ALA B 303 -0.53 27.39 -33.50
CA ALA B 303 0.74 27.60 -34.20
C ALA B 303 1.06 26.47 -35.18
N HIS B 304 0.30 25.38 -35.12
CA HIS B 304 0.52 24.26 -36.03
C HIS B 304 -0.67 23.31 -35.93
N GLY B 305 -0.95 22.60 -37.01
CA GLY B 305 -2.07 21.68 -37.01
C GLY B 305 -3.38 22.43 -36.78
N GLY B 306 -4.37 21.74 -36.24
CA GLY B 306 -5.64 22.40 -35.96
C GLY B 306 -6.73 21.86 -36.84
N THR B 307 -6.36 21.09 -37.85
CA THR B 307 -7.34 20.51 -38.75
C THR B 307 -7.77 19.16 -38.17
N TRP B 308 -8.97 18.72 -38.52
CA TRP B 308 -9.49 17.45 -38.02
C TRP B 308 -10.55 16.86 -38.94
N ASP B 309 -10.68 15.54 -38.90
CA ASP B 309 -11.65 14.86 -39.72
C ASP B 309 -12.58 14.15 -38.78
N GLN B 310 -13.81 14.64 -38.71
CA GLN B 310 -14.81 14.04 -37.85
C GLN B 310 -15.11 12.60 -38.23
N SER B 311 -15.16 12.33 -39.53
CA SER B 311 -15.44 10.98 -40.02
C SER B 311 -14.48 9.92 -39.47
N SER B 312 -13.19 10.12 -39.70
CA SER B 312 -12.18 9.16 -39.23
C SER B 312 -11.63 9.45 -37.85
N ARG B 313 -12.32 10.29 -37.09
CA ARG B 313 -11.88 10.65 -35.74
C ARG B 313 -10.42 11.02 -35.69
N TYR B 314 -10.01 11.82 -36.68
CA TYR B 314 -8.66 12.30 -36.82
C TYR B 314 -8.60 13.71 -36.25
N ILE B 315 -7.44 14.05 -35.70
CA ILE B 315 -7.17 15.37 -35.14
C ILE B 315 -5.68 15.49 -35.35
N ALA B 316 -5.29 16.43 -36.19
CA ALA B 316 -3.90 16.63 -36.53
C ALA B 316 -3.03 17.06 -35.36
N PRO B 317 -1.74 16.73 -35.40
CA PRO B 317 -0.77 17.10 -34.37
C PRO B 317 -0.76 18.61 -34.24
N THR B 318 -1.72 19.16 -33.50
CA THR B 318 -1.79 20.60 -33.31
C THR B 318 -0.93 21.11 -32.16
N ILE B 319 -0.37 22.29 -32.33
CA ILE B 319 0.44 22.95 -31.30
C ILE B 319 -0.28 24.27 -30.99
N LEU B 320 -0.08 24.78 -29.78
CA LEU B 320 -0.70 26.02 -29.33
C LEU B 320 0.36 26.78 -28.58
N VAL B 321 0.42 28.09 -28.83
CA VAL B 321 1.41 28.95 -28.19
C VAL B 321 0.73 29.98 -27.30
N ASP B 322 1.50 30.56 -26.38
CA ASP B 322 1.00 31.57 -25.44
C ASP B 322 -0.35 31.19 -24.86
N VAL B 323 -0.42 30.00 -24.29
CA VAL B 323 -1.63 29.47 -23.68
C VAL B 323 -1.85 30.01 -22.27
N ASP B 324 -3.11 30.26 -21.92
CA ASP B 324 -3.49 30.79 -20.62
C ASP B 324 -3.78 29.63 -19.69
N PRO B 325 -3.09 29.57 -18.53
CA PRO B 325 -3.30 28.50 -17.56
C PRO B 325 -4.76 28.27 -17.20
N GLN B 326 -5.56 29.33 -17.26
CA GLN B 326 -6.97 29.26 -16.90
C GLN B 326 -7.88 28.78 -18.03
N SER B 327 -7.30 28.57 -19.21
CA SER B 327 -8.05 28.09 -20.35
C SER B 327 -8.29 26.59 -20.15
N PRO B 328 -9.37 26.06 -20.74
CA PRO B 328 -9.71 24.64 -20.61
C PRO B 328 -8.65 23.59 -20.98
N VAL B 329 -7.71 23.91 -21.85
CA VAL B 329 -6.68 22.93 -22.20
C VAL B 329 -5.72 22.76 -21.03
N MET B 330 -5.68 23.78 -20.18
CA MET B 330 -4.80 23.75 -19.03
C MET B 330 -5.56 23.43 -17.76
N GLN B 331 -6.83 23.07 -17.91
CA GLN B 331 -7.66 22.75 -16.76
C GLN B 331 -7.96 21.27 -16.69
N GLU B 332 -7.90 20.60 -17.84
CA GLU B 332 -8.15 19.17 -17.85
C GLU B 332 -7.08 18.44 -18.62
N GLU B 333 -6.88 17.18 -18.29
CA GLU B 333 -5.89 16.35 -18.94
C GLU B 333 -6.31 16.18 -20.38
N ILE B 334 -5.47 16.63 -21.29
CA ILE B 334 -5.72 16.52 -22.73
C ILE B 334 -5.44 15.08 -23.09
N PHE B 335 -6.42 14.33 -23.54
CA PHE B 335 -6.12 12.96 -23.91
C PHE B 335 -6.18 12.92 -25.42
N GLY B 336 -5.34 13.74 -26.03
CA GLY B 336 -5.30 13.84 -27.49
C GLY B 336 -4.01 14.42 -28.00
N PRO B 337 -3.93 14.70 -29.31
CA PRO B 337 -2.71 15.26 -29.88
C PRO B 337 -2.61 16.80 -29.89
N VAL B 338 -3.00 17.44 -28.79
CA VAL B 338 -2.93 18.90 -28.68
C VAL B 338 -1.78 19.20 -27.72
N MET B 339 -0.80 19.98 -28.14
CA MET B 339 0.33 20.28 -27.26
C MET B 339 0.48 21.77 -26.94
N PRO B 340 -0.04 22.21 -25.79
CA PRO B 340 0.04 23.61 -25.37
C PRO B 340 1.46 23.98 -24.90
N ILE B 341 1.79 25.26 -24.99
CA ILE B 341 3.08 25.77 -24.53
C ILE B 341 2.77 26.90 -23.57
N VAL B 342 3.25 26.76 -22.33
CA VAL B 342 3.02 27.76 -21.30
C VAL B 342 4.36 28.35 -20.87
N CYS B 343 4.45 29.67 -20.91
CA CYS B 343 5.70 30.34 -20.57
C CYS B 343 5.85 30.67 -19.11
N VAL B 344 7.10 30.62 -18.64
CA VAL B 344 7.46 30.94 -17.27
C VAL B 344 8.81 31.66 -17.33
N ARG B 345 9.00 32.63 -16.46
CA ARG B 345 10.22 33.42 -16.43
C ARG B 345 11.45 32.79 -15.80
N SER B 346 11.24 31.76 -14.99
CA SER B 346 12.37 31.11 -14.32
C SER B 346 12.08 29.67 -13.94
N LEU B 347 13.09 29.01 -13.40
CA LEU B 347 12.94 27.63 -12.95
C LEU B 347 12.10 27.63 -11.69
N GLU B 348 12.37 28.56 -10.77
CA GLU B 348 11.63 28.67 -9.54
C GLU B 348 10.16 28.79 -9.88
N GLU B 349 9.88 29.54 -10.94
CA GLU B 349 8.52 29.74 -11.40
C GLU B 349 7.94 28.44 -11.92
N ALA B 350 8.70 27.71 -12.74
CA ALA B 350 8.24 26.44 -13.28
C ALA B 350 7.82 25.51 -12.15
N ILE B 351 8.63 25.49 -11.10
CA ILE B 351 8.42 24.66 -9.92
C ILE B 351 7.14 25.05 -9.19
N GLN B 352 6.94 26.34 -8.95
CA GLN B 352 5.74 26.79 -8.26
C GLN B 352 4.48 26.45 -9.03
N PHE B 353 4.57 26.52 -10.35
CA PHE B 353 3.45 26.22 -11.22
C PHE B 353 3.00 24.79 -10.97
N ILE B 354 3.96 23.88 -11.01
CA ILE B 354 3.72 22.45 -10.83
C ILE B 354 3.14 22.13 -9.45
N ASN B 355 3.75 22.69 -8.42
CA ASN B 355 3.30 22.43 -7.06
C ASN B 355 1.91 23.00 -6.79
N GLN B 356 1.52 24.04 -7.52
CA GLN B 356 0.20 24.65 -7.33
C GLN B 356 -0.91 23.80 -7.93
N ARG B 357 -0.56 22.64 -8.47
CA ARG B 357 -1.55 21.77 -9.09
C ARG B 357 -1.46 20.34 -8.54
N GLU B 358 -2.54 19.57 -8.72
CA GLU B 358 -2.59 18.17 -8.27
C GLU B 358 -1.33 17.46 -8.75
N LYS B 359 -0.88 16.47 -7.97
CA LYS B 359 0.32 15.73 -8.32
C LYS B 359 0.06 14.92 -9.58
N PRO B 360 1.03 14.91 -10.50
CA PRO B 360 0.92 14.20 -11.78
C PRO B 360 1.56 12.83 -11.75
N LEU B 361 1.14 11.96 -12.66
CA LEU B 361 1.70 10.62 -12.77
C LEU B 361 3.18 10.71 -13.15
N ALA B 362 3.50 11.66 -14.04
CA ALA B 362 4.88 11.88 -14.49
C ALA B 362 5.24 13.37 -14.48
N LEU B 363 6.55 13.64 -14.49
CA LEU B 363 7.14 14.99 -14.48
C LEU B 363 8.44 14.82 -15.28
N TYR B 364 8.56 15.54 -16.39
CA TYR B 364 9.75 15.47 -17.25
C TYR B 364 10.57 16.74 -17.26
N VAL B 365 11.89 16.58 -17.27
CA VAL B 365 12.82 17.70 -17.25
C VAL B 365 13.87 17.52 -18.34
N PHE B 366 14.06 18.56 -19.15
CA PHE B 366 15.06 18.53 -20.22
C PHE B 366 16.04 19.67 -19.98
N SER B 367 17.31 19.32 -19.80
CA SER B 367 18.36 20.31 -19.56
C SER B 367 19.73 19.63 -19.60
N ASN B 368 20.77 20.41 -19.82
CA ASN B 368 22.13 19.89 -19.84
C ASN B 368 22.75 20.11 -18.47
N ASN B 369 22.15 21.01 -17.69
CA ASN B 369 22.60 21.32 -16.35
C ASN B 369 22.03 20.31 -15.34
N GLU B 370 22.89 19.42 -14.87
CA GLU B 370 22.50 18.38 -13.91
C GLU B 370 21.80 18.99 -12.69
N LYS B 371 22.33 20.12 -12.23
CA LYS B 371 21.80 20.81 -11.07
C LYS B 371 20.35 21.23 -11.22
N VAL B 372 19.93 21.51 -12.44
CA VAL B 372 18.54 21.91 -12.69
C VAL B 372 17.64 20.69 -12.59
N ILE B 373 18.14 19.57 -13.11
CA ILE B 373 17.42 18.31 -13.06
C ILE B 373 17.18 17.95 -11.59
N LYS B 374 18.25 17.93 -10.80
CA LYS B 374 18.15 17.59 -9.38
C LYS B 374 17.25 18.55 -8.58
N LYS B 375 17.37 19.86 -8.83
CA LYS B 375 16.56 20.84 -8.12
C LYS B 375 15.08 20.64 -8.44
N MET B 376 14.80 20.19 -9.65
CA MET B 376 13.45 19.94 -10.12
C MET B 376 12.82 18.79 -9.36
N ILE B 377 13.48 17.63 -9.42
CA ILE B 377 13.02 16.41 -8.75
C ILE B 377 12.83 16.63 -7.26
N ALA B 378 13.85 17.21 -6.64
CA ALA B 378 13.86 17.47 -5.20
C ALA B 378 12.83 18.46 -4.66
N GLU B 379 12.18 19.22 -5.54
CA GLU B 379 11.21 20.20 -5.07
C GLU B 379 9.79 20.02 -5.55
N THR B 380 9.54 18.95 -6.31
CA THR B 380 8.20 18.68 -6.79
C THR B 380 7.88 17.25 -6.39
N SER B 381 6.73 16.77 -6.86
CA SER B 381 6.31 15.42 -6.55
C SER B 381 5.42 14.94 -7.67
N SER B 382 5.67 13.72 -8.10
CA SER B 382 4.91 13.10 -9.16
C SER B 382 5.04 11.60 -8.95
N GLY B 383 4.24 10.82 -9.66
CA GLY B 383 4.33 9.37 -9.54
C GLY B 383 5.76 9.01 -9.86
N GLY B 384 6.14 9.18 -11.11
CA GLY B 384 7.49 8.86 -11.55
C GLY B 384 8.13 10.09 -12.20
N VAL B 385 9.34 9.93 -12.72
CA VAL B 385 10.09 11.01 -13.37
C VAL B 385 11.04 10.46 -14.43
N THR B 386 11.34 11.29 -15.44
CA THR B 386 12.31 10.97 -16.48
C THR B 386 12.92 12.30 -16.90
N ALA B 387 14.24 12.36 -16.85
CA ALA B 387 15.00 13.56 -17.22
C ALA B 387 15.63 13.36 -18.59
N ASN B 388 15.30 14.27 -19.50
CA ASN B 388 15.82 14.28 -20.87
C ASN B 388 15.27 13.22 -21.79
N ASP B 389 14.02 12.86 -21.55
CA ASP B 389 13.31 11.90 -22.40
C ASP B 389 11.89 11.85 -21.87
N VAL B 390 11.07 11.01 -22.47
CA VAL B 390 9.68 10.93 -22.09
C VAL B 390 9.19 9.48 -22.13
N ILE B 391 8.19 9.19 -21.30
CA ILE B 391 7.55 7.87 -21.22
C ILE B 391 8.38 6.72 -20.69
N VAL B 392 9.63 6.65 -21.13
CA VAL B 392 10.57 5.59 -20.81
C VAL B 392 10.69 4.97 -19.41
N HIS B 393 10.53 5.74 -18.34
CA HIS B 393 10.63 5.12 -17.01
C HIS B 393 9.58 4.02 -16.79
N ILE B 394 8.41 4.19 -17.42
CA ILE B 394 7.30 3.24 -17.35
C ILE B 394 7.65 1.89 -17.98
N THR B 395 8.74 1.83 -18.74
CA THR B 395 9.09 0.60 -19.42
C THR B 395 10.18 -0.24 -18.78
N VAL B 396 10.73 0.24 -17.66
CA VAL B 396 11.79 -0.48 -16.95
C VAL B 396 11.13 -1.32 -15.84
N PRO B 397 11.27 -2.66 -15.92
CA PRO B 397 10.67 -3.55 -14.92
C PRO B 397 11.24 -3.29 -13.53
N THR B 398 12.52 -2.95 -13.48
CA THR B 398 13.18 -2.68 -12.23
C THR B 398 12.73 -1.35 -11.63
N LEU B 399 11.78 -0.69 -12.28
CA LEU B 399 11.23 0.58 -11.82
C LEU B 399 9.73 0.46 -11.60
N PRO B 400 9.27 0.49 -10.32
CA PRO B 400 7.85 0.40 -10.01
C PRO B 400 7.09 1.60 -10.58
N PHE B 401 5.91 1.33 -11.15
CA PHE B 401 5.08 2.35 -11.79
C PHE B 401 3.85 2.70 -10.96
N GLY B 402 3.72 3.97 -10.55
CA GLY B 402 2.57 4.39 -9.76
C GLY B 402 2.45 5.89 -9.57
N GLY B 403 1.31 6.35 -9.05
CA GLY B 403 1.10 7.77 -8.85
C GLY B 403 1.19 8.26 -7.41
N VAL B 404 0.72 9.46 -7.15
CA VAL B 404 0.69 10.05 -5.81
C VAL B 404 -0.52 10.96 -5.84
N GLY B 405 -1.15 11.15 -4.69
CA GLY B 405 -2.31 12.01 -4.63
C GLY B 405 -3.33 11.64 -5.71
N ASN B 406 -3.71 12.61 -6.53
CA ASN B 406 -4.68 12.37 -7.58
C ASN B 406 -4.26 11.41 -8.69
N SER B 407 -2.96 11.27 -8.92
CA SER B 407 -2.50 10.33 -9.94
C SER B 407 -2.63 8.86 -9.52
N GLY B 408 -3.09 8.64 -8.29
CA GLY B 408 -3.27 7.29 -7.80
C GLY B 408 -2.42 6.86 -6.63
N MET B 409 -2.61 5.61 -6.22
CA MET B 409 -1.88 5.01 -5.10
C MET B 409 -1.53 3.57 -5.45
N GLY B 410 -0.37 3.11 -4.98
CA GLY B 410 0.07 1.75 -5.29
C GLY B 410 0.96 1.78 -6.53
N ALA B 411 1.73 0.70 -6.75
CA ALA B 411 2.64 0.62 -7.89
C ALA B 411 2.61 -0.81 -8.43
N TYR B 412 3.05 -1.06 -9.66
CA TYR B 412 2.96 -2.44 -10.13
C TYR B 412 3.88 -3.04 -11.19
N HIS B 413 5.12 -2.60 -11.36
CA HIS B 413 5.92 -3.27 -12.38
C HIS B 413 6.97 -4.26 -11.88
N GLY B 414 7.08 -5.38 -12.58
CA GLY B 414 8.08 -6.40 -12.25
C GLY B 414 7.87 -7.10 -10.92
N LYS B 415 8.90 -7.05 -10.06
CA LYS B 415 8.81 -7.67 -8.75
C LYS B 415 7.81 -6.93 -7.89
N LYS B 416 7.79 -5.60 -8.01
CA LYS B 416 6.85 -4.79 -7.24
C LYS B 416 5.41 -5.25 -7.46
N SER B 417 5.16 -5.83 -8.64
CA SER B 417 3.85 -6.33 -9.02
C SER B 417 3.51 -7.54 -8.17
N PHE B 418 4.51 -8.42 -8.01
CA PHE B 418 4.40 -9.64 -7.21
C PHE B 418 4.13 -9.29 -5.74
N GLU B 419 4.92 -8.36 -5.20
CA GLU B 419 4.78 -7.90 -3.83
C GLU B 419 3.39 -7.35 -3.60
N THR B 420 2.93 -6.56 -4.55
CA THR B 420 1.61 -5.93 -4.48
C THR B 420 0.42 -6.90 -4.53
N PHE B 421 0.54 -7.97 -5.32
CA PHE B 421 -0.57 -8.89 -5.40
C PHE B 421 -0.50 -10.04 -4.39
N SER B 422 0.35 -9.90 -3.39
CA SER B 422 0.49 -10.92 -2.37
C SER B 422 0.60 -10.28 -1.00
N HIS B 423 0.58 -11.10 0.05
CA HIS B 423 0.72 -10.59 1.41
C HIS B 423 2.14 -10.91 1.88
N ARG B 424 2.82 -9.91 2.40
CA ARG B 424 4.16 -10.11 2.93
C ARG B 424 3.99 -10.29 4.45
N ARG B 425 3.97 -11.55 4.87
CA ARG B 425 3.78 -11.93 6.27
C ARG B 425 5.10 -12.01 7.02
N SER B 426 5.25 -11.26 8.11
CA SER B 426 6.46 -11.32 8.92
C SER B 426 6.39 -12.52 9.86
N CYS B 427 7.48 -13.29 9.91
CA CYS B 427 7.55 -14.47 10.75
C CYS B 427 8.75 -14.45 11.66
N LEU B 428 8.51 -14.78 12.92
CA LEU B 428 9.56 -14.84 13.93
C LEU B 428 9.51 -16.26 14.47
N VAL B 429 10.38 -17.11 13.98
CA VAL B 429 10.38 -18.49 14.42
C VAL B 429 11.44 -18.77 15.46
N LYS B 430 10.99 -19.21 16.63
CA LYS B 430 11.86 -19.58 17.73
C LYS B 430 11.52 -21.05 17.96
N SER B 431 11.82 -21.91 16.99
CA SER B 431 11.55 -23.34 17.16
C SER B 431 12.24 -23.76 18.47
N LEU B 432 13.14 -22.90 18.91
CA LEU B 432 13.89 -23.03 20.15
C LEU B 432 12.93 -22.78 21.30
N LEU B 433 12.34 -23.85 21.82
CA LEU B 433 11.44 -23.75 22.97
C LEU B 433 12.32 -23.85 24.22
N ASN B 434 13.64 -23.83 24.02
CA ASN B 434 14.60 -23.91 25.11
C ASN B 434 15.37 -22.62 25.38
N GLU B 435 16.45 -22.72 26.15
CA GLU B 435 17.27 -21.58 26.51
C GLU B 435 16.38 -20.39 26.88
N GLU B 436 15.39 -20.66 27.73
CA GLU B 436 14.46 -19.62 28.14
C GLU B 436 14.99 -18.56 29.12
N ALA B 437 15.77 -17.63 28.60
CA ALA B 437 16.32 -16.53 29.40
C ALA B 437 15.47 -15.29 29.14
N HIS B 438 14.17 -15.41 29.42
CA HIS B 438 13.21 -14.32 29.23
C HIS B 438 12.69 -13.89 30.60
N LYS B 439 13.26 -14.47 31.65
CA LYS B 439 12.86 -14.20 33.03
C LYS B 439 12.52 -12.75 33.30
N ALA B 440 13.38 -11.86 32.81
CA ALA B 440 13.22 -10.42 33.01
C ALA B 440 11.93 -9.80 32.46
N ARG B 441 11.21 -10.55 31.62
CA ARG B 441 9.98 -10.04 31.00
C ARG B 441 8.70 -10.40 31.75
N TYR B 442 8.73 -11.47 32.52
CA TYR B 442 7.55 -11.92 33.25
C TYR B 442 7.39 -11.30 34.65
N PRO B 443 6.13 -11.17 35.12
CA PRO B 443 5.84 -10.59 36.44
C PRO B 443 6.32 -11.59 37.51
N PRO B 444 6.49 -11.13 38.77
CA PRO B 444 6.23 -9.79 39.30
C PRO B 444 7.33 -8.78 39.00
N SER B 445 6.95 -7.51 38.92
CA SER B 445 7.89 -6.47 38.64
C SER B 445 8.88 -6.42 39.78
N PRO B 446 10.14 -6.07 39.47
CA PRO B 446 11.18 -5.97 40.48
C PRO B 446 10.78 -4.98 41.56
N ALA B 447 11.16 -5.27 42.80
CA ALA B 447 10.84 -4.41 43.95
C ALA B 447 11.72 -3.16 43.97
#